data_3ZLQ
#
_entry.id   3ZLQ
#
_cell.length_a   46.780
_cell.length_b   210.983
_cell.length_c   53.303
_cell.angle_alpha   90.00
_cell.angle_beta   105.07
_cell.angle_gamma   90.00
#
_symmetry.space_group_name_H-M   'P 1 21 1'
#
loop_
_entity.id
_entity.type
_entity.pdbx_description
1 polymer 'BETA-SECRETASE 2'
2 polymer XA4813
3 non-polymer '5-Ethoxy-pyridine-2-carboxylic acid [3-((R)-2-amino-5,5-difluoro-4-methyl-5,6-dihydro-4H-[1,3]oxazin-4-yl)-4-fluoro-phenyl]-amide'
4 water water
#
loop_
_entity_poly.entity_id
_entity_poly.type
_entity_poly.pdbx_seq_one_letter_code
_entity_poly.pdbx_strand_id
1 'polypeptide(L)'
;ANFLAMVDNLQGDSGRGYYLEMLIGTPPQKLQILVDTGSSNFAVAGTPHSYIDTYFDTERSSTYRSKGFDVTVKYTQGSW
TGFVGEDLVTIPKGFNTSFLVNIATIFESENFFLPGIKWNGILGLAYATLAKPSSSLETFFDSLVTQANIPNVFSMQMCG
AGLPVAGSGTNGGSLVLGGIEPSLYKGDIWYTPIKEEWYYQIEILKLEIGGQSLNLDCREYNADKAIVDSGTTLLRLPQK
VFDAVVEAVARASLIPAFSDGFWTGSQLACWTNSETPWSYFPKISIYLRDENSSRSFRITILPQLYIQPMMGAGLNYECY
RFGISPSTNALVIGATVMEGFYVIFDRAQKRVGFAASPCAEIAGAAVSEISGPFSTEDVASNCVPA
;
A,B
2 'polypeptide(L)'
;QVQLQESGGGLVQPGGSLRLSCAASGFTFSSAIMTWVRQAPGKGREWVSTIGSDGSITTYADSVKGRFTISRDNARNTLY
LQMNSLKPEDTAVYYCTSAGRRGPGTQVTVSSHHHHHHEPEA
;
C,D
#
loop_
_chem_comp.id
_chem_comp.type
_chem_comp.name
_chem_comp.formula
6T9 non-polymer '5-Ethoxy-pyridine-2-carboxylic acid [3-((R)-2-amino-5,5-difluoro-4-methyl-5,6-dihydro-4H-[1,3]oxazin-4-yl)-4-fluoro-phenyl]-amide' 'C19 H19 F3 N4 O3'
#
# COMPACT_ATOMS: atom_id res chain seq x y z
N LEU A 4 -12.41 0.14 30.94
CA LEU A 4 -12.01 -1.25 30.57
C LEU A 4 -13.20 -1.99 30.01
N ALA A 5 -14.05 -1.21 29.33
CA ALA A 5 -15.20 -1.69 28.55
C ALA A 5 -15.12 -1.03 27.16
N MET A 6 -15.04 0.30 27.17
CA MET A 6 -14.86 1.04 25.94
C MET A 6 -13.39 1.38 25.91
N VAL A 7 -12.62 0.38 25.50
CA VAL A 7 -11.18 0.47 25.34
C VAL A 7 -11.12 -0.35 24.06
N ASP A 8 -10.33 0.06 23.08
CA ASP A 8 -10.39 -0.44 21.70
C ASP A 8 -11.78 -0.63 21.07
N ASN A 9 -12.68 0.35 21.19
CA ASN A 9 -14.00 0.23 20.54
C ASN A 9 -14.04 0.95 19.16
N LEU A 10 -12.90 1.53 18.79
CA LEU A 10 -12.78 2.18 17.50
C LEU A 10 -11.99 1.32 16.59
N GLN A 11 -12.33 1.42 15.30
CA GLN A 11 -11.54 0.89 14.20
C GLN A 11 -11.06 2.04 13.33
N GLY A 12 -10.15 1.72 12.42
CA GLY A 12 -9.74 2.72 11.46
C GLY A 12 -8.41 3.30 11.85
N ASP A 13 -8.03 4.39 11.19
CA ASP A 13 -6.62 4.78 11.21
C ASP A 13 -6.60 6.28 11.01
N SER A 14 -5.43 6.90 11.23
CA SER A 14 -5.36 8.37 11.21
C SER A 14 -5.51 9.06 9.83
N GLY A 15 -5.72 8.24 8.79
CA GLY A 15 -5.91 8.69 7.39
C GLY A 15 -7.30 8.42 6.78
N ARG A 16 -7.94 7.32 7.17
CA ARG A 16 -9.27 6.98 6.66
C ARG A 16 -10.30 7.10 7.79
N GLY A 17 -9.89 7.67 8.92
CA GLY A 17 -10.76 8.00 10.04
C GLY A 17 -10.93 6.92 11.09
N TYR A 18 -11.31 7.28 12.30
CA TYR A 18 -11.74 6.31 13.31
C TYR A 18 -13.22 6.29 13.52
N TYR A 19 -13.77 5.07 13.36
CA TYR A 19 -15.18 4.80 13.37
C TYR A 19 -15.62 3.82 14.46
N LEU A 20 -16.85 4.08 14.88
CA LEU A 20 -17.43 3.40 15.99
C LEU A 20 -18.49 2.45 15.44
N GLU A 21 -18.62 1.26 16.03
CA GLU A 21 -19.77 0.40 15.70
C GLU A 21 -21.06 0.78 16.45
N MET A 22 -22.18 0.77 15.77
CA MET A 22 -23.40 1.34 16.32
C MET A 22 -24.50 0.44 15.75
N LEU A 23 -25.49 0.11 16.61
CA LEU A 23 -26.70 -0.63 16.25
C LEU A 23 -27.93 0.32 16.26
N ILE A 24 -28.63 0.44 15.14
CA ILE A 24 -29.72 1.38 15.06
C ILE A 24 -31.03 0.69 14.75
N GLY A 25 -32.07 1.01 15.48
CA GLY A 25 -33.40 0.67 15.10
C GLY A 25 -33.77 -0.71 15.57
N THR A 26 -34.97 -1.14 15.17
CA THR A 26 -35.55 -2.42 15.65
C THR A 26 -36.12 -3.22 14.49
N PRO A 27 -35.55 -4.40 14.20
CA PRO A 27 -34.42 -4.97 14.91
C PRO A 27 -33.17 -4.14 14.53
N PRO A 28 -32.07 -4.26 15.30
CA PRO A 28 -30.90 -3.41 15.15
C PRO A 28 -30.21 -3.66 13.80
N GLN A 29 -29.80 -2.57 13.16
CA GLN A 29 -28.97 -2.60 11.97
C GLN A 29 -27.60 -2.07 12.40
N LYS A 30 -26.56 -2.72 11.91
CA LYS A 30 -25.20 -2.47 12.33
C LYS A 30 -24.52 -1.52 11.37
N LEU A 31 -24.11 -0.36 11.87
CA LEU A 31 -23.42 0.62 11.06
C LEU A 31 -22.05 0.92 11.66
N GLN A 32 -21.21 1.53 10.84
N GLN A 32 -21.17 1.47 10.83
CA GLN A 32 -19.85 1.88 11.16
CA GLN A 32 -19.84 1.85 11.26
C GLN A 32 -19.72 3.40 10.98
C GLN A 32 -19.69 3.36 11.00
N ILE A 33 -19.58 4.13 12.08
CA ILE A 33 -19.81 5.59 12.08
C ILE A 33 -18.58 6.30 12.57
N LEU A 34 -18.09 7.19 11.71
CA LEU A 34 -16.89 8.00 11.95
C LEU A 34 -17.05 8.92 13.15
N VAL A 35 -16.06 8.94 14.06
CA VAL A 35 -16.09 9.85 15.22
C VAL A 35 -15.60 11.29 14.90
N ASP A 36 -16.51 12.25 14.81
CA ASP A 36 -16.18 13.63 14.39
C ASP A 36 -16.45 14.62 15.53
N THR A 37 -15.40 15.06 16.17
CA THR A 37 -15.57 16.08 17.21
C THR A 37 -15.71 17.50 16.67
N GLY A 38 -15.64 17.68 15.35
CA GLY A 38 -15.87 18.99 14.77
C GLY A 38 -17.18 19.23 14.02
N SER A 39 -18.18 18.36 14.19
CA SER A 39 -19.58 18.67 13.72
C SER A 39 -20.61 18.19 14.80
N SER A 40 -21.91 18.44 14.62
CA SER A 40 -22.87 17.98 15.64
C SER A 40 -24.10 17.23 15.17
N ASN A 41 -24.09 16.71 13.94
CA ASN A 41 -25.18 15.78 13.53
C ASN A 41 -24.77 14.32 13.54
N PHE A 42 -25.72 13.45 13.87
CA PHE A 42 -25.67 12.02 13.64
C PHE A 42 -26.35 11.71 12.32
N ALA A 43 -25.55 11.31 11.29
CA ALA A 43 -26.04 11.06 9.96
C ALA A 43 -25.48 9.78 9.43
N VAL A 44 -26.32 8.96 8.78
CA VAL A 44 -25.92 7.63 8.19
C VAL A 44 -26.46 7.53 6.77
N ALA A 45 -25.76 6.79 5.91
CA ALA A 45 -26.32 6.42 4.64
C ALA A 45 -27.72 5.76 4.81
N GLY A 46 -28.73 6.30 4.11
CA GLY A 46 -30.08 5.69 4.08
C GLY A 46 -30.41 4.90 2.81
N THR A 47 -29.58 4.95 1.76
CA THR A 47 -29.81 4.17 0.53
C THR A 47 -28.48 3.44 0.06
N PRO A 48 -28.54 2.51 -0.93
CA PRO A 48 -27.24 1.95 -1.19
C PRO A 48 -26.47 3.01 -1.90
N HIS A 49 -25.19 2.84 -1.91
CA HIS A 49 -24.30 3.77 -2.56
C HIS A 49 -23.12 2.90 -2.89
N SER A 50 -22.47 3.23 -3.99
CA SER A 50 -21.51 2.39 -4.63
C SER A 50 -20.25 2.21 -3.80
N TYR A 51 -19.94 3.17 -2.92
CA TYR A 51 -18.73 3.02 -2.12
C TYR A 51 -18.96 2.56 -0.71
N ILE A 52 -20.18 2.15 -0.35
CA ILE A 52 -20.42 1.53 1.00
C ILE A 52 -21.02 0.15 0.90
N ASP A 53 -20.78 -0.69 1.93
CA ASP A 53 -21.31 -2.07 2.00
C ASP A 53 -22.72 -2.15 2.54
N THR A 54 -23.06 -1.25 3.44
CA THR A 54 -24.38 -1.31 4.00
C THR A 54 -24.87 0.07 4.40
N TYR A 55 -26.15 0.12 4.78
CA TYR A 55 -26.77 1.38 5.15
C TYR A 55 -27.92 1.12 6.11
N PHE A 56 -28.46 2.20 6.67
CA PHE A 56 -29.63 2.10 7.48
C PHE A 56 -30.92 2.33 6.63
N ASP A 57 -31.64 1.24 6.46
CA ASP A 57 -32.96 1.22 5.82
C ASP A 57 -34.04 1.48 6.85
N THR A 58 -34.55 2.71 6.87
CA THR A 58 -35.48 3.14 7.93
C THR A 58 -36.85 2.41 7.91
N GLU A 59 -37.22 1.95 6.71
CA GLU A 59 -38.47 1.20 6.46
C GLU A 59 -38.44 -0.18 7.15
N ARG A 60 -37.26 -0.72 7.43
CA ARG A 60 -37.16 -1.99 8.21
C ARG A 60 -37.12 -1.82 9.71
N SER A 61 -37.20 -0.60 10.18
CA SER A 61 -37.15 -0.42 11.63
C SER A 61 -38.50 -0.05 12.17
N SER A 62 -38.99 -0.84 13.11
CA SER A 62 -40.37 -0.66 13.51
C SER A 62 -40.47 0.53 14.46
N THR A 63 -39.34 0.92 15.01
CA THR A 63 -39.33 1.99 15.98
C THR A 63 -38.94 3.36 15.36
N TYR A 64 -38.44 3.37 14.11
CA TYR A 64 -38.08 4.63 13.37
C TYR A 64 -39.30 5.51 13.29
N ARG A 65 -39.19 6.80 13.63
CA ARG A 65 -40.21 7.78 13.21
C ARG A 65 -39.53 8.93 12.45
N SER A 66 -40.17 9.40 11.40
CA SER A 66 -39.78 10.51 10.56
C SER A 66 -40.22 11.80 11.21
N LYS A 67 -39.36 12.82 11.17
CA LYS A 67 -39.79 14.15 11.58
C LYS A 67 -40.63 14.95 10.53
N GLY A 68 -40.55 14.58 9.24
CA GLY A 68 -41.29 15.23 8.15
C GLY A 68 -40.52 16.34 7.45
N PHE A 69 -39.20 16.30 7.53
CA PHE A 69 -38.39 17.31 6.86
C PHE A 69 -36.99 16.74 6.69
N ASP A 70 -36.24 17.30 5.77
CA ASP A 70 -34.90 16.89 5.65
C ASP A 70 -33.89 18.00 5.93
N VAL A 71 -32.61 17.67 5.74
CA VAL A 71 -31.54 18.62 5.93
C VAL A 71 -30.46 18.36 4.88
N THR A 72 -29.86 19.49 4.48
CA THR A 72 -28.66 19.52 3.71
C THR A 72 -27.64 20.23 4.56
N VAL A 73 -26.42 19.70 4.48
CA VAL A 73 -25.21 20.20 5.10
C VAL A 73 -24.20 20.36 3.95
N LYS A 74 -23.51 21.51 3.88
CA LYS A 74 -22.48 21.81 2.86
C LYS A 74 -21.17 21.90 3.53
N TYR A 75 -20.13 21.37 2.94
CA TYR A 75 -18.77 21.70 3.36
C TYR A 75 -18.05 22.16 2.10
N THR A 76 -16.75 22.39 2.15
CA THR A 76 -16.07 23.02 1.01
C THR A 76 -16.21 22.28 -0.34
N GLN A 77 -16.02 20.97 -0.26
CA GLN A 77 -15.91 20.11 -1.42
C GLN A 77 -17.13 19.22 -1.71
N GLY A 78 -18.26 19.42 -1.03
CA GLY A 78 -19.36 18.46 -1.14
C GLY A 78 -20.58 18.81 -0.31
N SER A 79 -21.36 17.80 0.05
CA SER A 79 -22.56 17.97 0.84
C SER A 79 -23.29 16.64 1.01
N TRP A 80 -24.27 16.65 1.88
CA TRP A 80 -25.16 15.48 2.07
C TRP A 80 -26.48 16.06 2.45
N THR A 81 -27.53 15.34 2.07
CA THR A 81 -28.92 15.71 2.31
C THR A 81 -29.51 14.48 2.97
N GLY A 82 -30.27 14.68 4.02
CA GLY A 82 -30.90 13.53 4.67
C GLY A 82 -32.29 13.84 5.18
N PHE A 83 -33.15 12.80 5.22
CA PHE A 83 -34.39 12.84 6.01
C PHE A 83 -34.09 12.86 7.46
N VAL A 84 -34.83 13.61 8.24
CA VAL A 84 -34.54 13.66 9.67
C VAL A 84 -35.60 12.88 10.39
N GLY A 85 -35.15 11.95 11.24
CA GLY A 85 -36.02 11.14 12.07
C GLY A 85 -35.49 10.90 13.44
N GLU A 86 -36.06 9.89 14.07
CA GLU A 86 -35.74 9.48 15.42
C GLU A 86 -35.76 7.94 15.60
N ASP A 87 -34.74 7.37 16.26
CA ASP A 87 -34.87 5.89 16.52
C ASP A 87 -33.99 5.51 17.68
N LEU A 88 -34.18 4.28 18.18
CA LEU A 88 -33.44 3.77 19.30
C LEU A 88 -32.11 3.37 18.73
N VAL A 89 -31.03 3.65 19.45
CA VAL A 89 -29.68 3.27 19.12
C VAL A 89 -29.10 2.56 20.36
N THR A 90 -28.13 1.65 20.16
CA THR A 90 -27.27 1.09 21.24
C THR A 90 -25.83 1.09 20.68
N ILE A 91 -24.87 1.19 21.60
CA ILE A 91 -23.44 1.09 21.27
C ILE A 91 -23.03 -0.23 21.94
N PRO A 92 -22.75 -1.29 21.13
CA PRO A 92 -22.64 -2.63 21.77
C PRO A 92 -21.49 -2.63 22.78
N LYS A 93 -20.30 -2.17 22.35
CA LYS A 93 -19.19 -2.01 23.30
C LYS A 93 -19.26 -0.67 24.04
N GLY A 94 -19.95 -0.72 25.19
CA GLY A 94 -20.17 0.44 26.03
C GLY A 94 -21.47 0.54 26.80
N PHE A 95 -22.56 -0.15 26.37
CA PHE A 95 -23.94 0.09 26.89
C PHE A 95 -24.98 -1.09 26.89
N ASN A 96 -25.64 -1.30 28.02
CA ASN A 96 -26.76 -2.27 28.15
C ASN A 96 -27.99 -1.90 27.31
N THR A 97 -28.50 -0.71 27.55
CA THR A 97 -29.81 -0.33 27.03
C THR A 97 -29.67 0.47 25.73
N SER A 98 -30.80 0.87 25.17
CA SER A 98 -30.85 1.67 23.99
C SER A 98 -31.45 3.01 24.42
N PHE A 99 -31.22 4.07 23.61
CA PHE A 99 -31.62 5.47 23.87
C PHE A 99 -32.21 6.05 22.57
N LEU A 100 -33.20 6.91 22.74
CA LEU A 100 -33.85 7.55 21.59
C LEU A 100 -33.05 8.80 21.16
N VAL A 101 -32.56 8.84 19.90
CA VAL A 101 -31.81 10.00 19.36
C VAL A 101 -32.31 10.44 17.98
N ASN A 102 -31.90 11.59 17.55
CA ASN A 102 -32.23 12.02 16.20
C ASN A 102 -31.23 11.37 15.22
N ILE A 103 -31.69 11.07 14.02
CA ILE A 103 -30.76 10.55 13.05
C ILE A 103 -31.19 11.24 11.78
N ALA A 104 -30.22 11.53 10.94
CA ALA A 104 -30.51 12.02 9.60
C ALA A 104 -30.16 10.87 8.67
N THR A 105 -31.07 10.48 7.76
CA THR A 105 -30.73 9.44 6.78
C THR A 105 -30.39 9.98 5.36
N ILE A 106 -29.14 9.75 4.97
CA ILE A 106 -28.64 10.39 3.74
C ILE A 106 -29.16 9.73 2.48
N PHE A 107 -29.94 10.42 1.69
CA PHE A 107 -30.33 9.81 0.44
C PHE A 107 -29.71 10.44 -0.82
N GLU A 108 -28.94 11.50 -0.61
CA GLU A 108 -28.47 12.32 -1.67
C GLU A 108 -27.23 12.97 -1.02
N SER A 109 -26.07 12.80 -1.66
CA SER A 109 -24.90 13.49 -1.20
C SER A 109 -24.01 13.76 -2.41
N GLU A 110 -22.94 14.54 -2.20
CA GLU A 110 -21.84 14.63 -3.14
C GLU A 110 -20.51 14.63 -2.41
N ASN A 111 -19.58 13.85 -2.92
CA ASN A 111 -18.26 13.73 -2.30
C ASN A 111 -18.34 13.35 -0.78
N PHE A 112 -19.31 12.52 -0.45
CA PHE A 112 -19.42 12.28 0.96
C PHE A 112 -18.89 10.94 1.29
N PHE A 113 -19.47 9.89 0.68
CA PHE A 113 -18.89 8.54 0.65
C PHE A 113 -17.86 8.48 -0.46
N LEU A 114 -16.64 8.11 -0.09
CA LEU A 114 -15.54 8.20 -1.01
C LEU A 114 -14.93 6.76 -1.21
N PRO A 115 -14.33 6.47 -2.38
CA PRO A 115 -13.67 5.17 -2.50
C PRO A 115 -12.74 4.83 -1.35
N GLY A 116 -12.85 3.59 -0.86
CA GLY A 116 -11.96 2.98 0.12
C GLY A 116 -12.14 3.39 1.57
N ILE A 117 -13.23 4.12 1.85
CA ILE A 117 -13.69 4.51 3.18
C ILE A 117 -14.30 3.27 3.82
N LYS A 118 -14.30 3.16 5.14
CA LYS A 118 -14.84 1.94 5.76
C LYS A 118 -16.09 2.23 6.57
N TRP A 119 -16.40 3.52 6.66
CA TRP A 119 -17.57 3.93 7.38
C TRP A 119 -18.72 4.38 6.46
N ASN A 120 -19.93 4.34 7.00
CA ASN A 120 -21.09 4.71 6.23
C ASN A 120 -22.04 5.62 7.02
N GLY A 121 -21.47 6.30 8.00
CA GLY A 121 -22.14 7.29 8.86
C GLY A 121 -21.10 8.15 9.62
N ILE A 122 -21.62 9.17 10.28
CA ILE A 122 -20.79 10.22 10.95
C ILE A 122 -21.48 10.60 12.29
N LEU A 123 -20.70 10.62 13.35
CA LEU A 123 -21.15 11.01 14.67
C LEU A 123 -20.54 12.36 15.12
N GLY A 124 -21.29 13.43 15.01
CA GLY A 124 -20.87 14.70 15.49
C GLY A 124 -21.00 14.80 17.01
N LEU A 125 -19.87 15.00 17.68
CA LEU A 125 -19.83 15.10 19.13
C LEU A 125 -19.54 16.53 19.54
N ALA A 126 -19.64 17.50 18.62
CA ALA A 126 -19.41 18.90 19.03
C ALA A 126 -20.72 19.41 19.79
N TYR A 127 -20.88 20.73 19.93
CA TYR A 127 -22.06 21.26 20.69
C TYR A 127 -23.26 21.60 19.89
N ALA A 128 -24.39 21.81 20.57
CA ALA A 128 -25.64 22.14 19.91
C ALA A 128 -25.61 23.23 18.83
N THR A 129 -24.78 24.25 19.04
CA THR A 129 -24.76 25.45 18.21
C THR A 129 -24.54 25.10 16.74
N LEU A 130 -23.87 23.99 16.48
CA LEU A 130 -23.49 23.55 15.11
C LEU A 130 -24.42 22.51 14.49
N ALA A 131 -25.39 21.99 15.27
CA ALA A 131 -26.41 21.07 14.73
C ALA A 131 -27.21 21.69 13.57
N LYS A 132 -27.40 20.95 12.48
CA LYS A 132 -28.24 21.41 11.41
C LYS A 132 -29.53 20.67 11.39
N PRO A 133 -30.65 21.37 11.24
CA PRO A 133 -30.82 22.72 10.67
C PRO A 133 -30.85 23.82 11.74
N SER A 134 -31.03 23.46 13.02
CA SER A 134 -30.81 24.39 14.12
C SER A 134 -30.30 23.71 15.38
N SER A 135 -29.71 24.56 16.23
CA SER A 135 -29.31 24.15 17.55
C SER A 135 -30.39 23.38 18.34
N SER A 136 -31.67 23.45 17.98
CA SER A 136 -32.63 22.62 18.72
C SER A 136 -32.75 21.16 18.32
N LEU A 137 -31.92 20.73 17.38
CA LEU A 137 -31.95 19.32 16.99
C LEU A 137 -31.01 18.64 17.96
N GLU A 138 -31.60 18.03 18.99
CA GLU A 138 -30.80 17.39 20.07
C GLU A 138 -29.73 16.50 19.55
N THR A 139 -28.51 16.86 19.94
CA THR A 139 -27.33 16.14 19.46
C THR A 139 -27.23 14.75 20.09
N PHE A 140 -26.49 13.86 19.45
CA PHE A 140 -26.40 12.50 19.99
C PHE A 140 -25.84 12.45 21.41
N PHE A 141 -24.79 13.24 21.69
CA PHE A 141 -24.17 13.18 23.01
C PHE A 141 -25.01 13.81 24.11
N ASP A 142 -25.79 14.84 23.82
CA ASP A 142 -26.79 15.41 24.77
C ASP A 142 -27.90 14.41 25.10
N SER A 143 -28.40 13.67 24.12
CA SER A 143 -29.32 12.53 24.36
C SER A 143 -28.70 11.49 25.31
N LEU A 144 -27.53 11.00 24.95
CA LEU A 144 -26.88 9.95 25.69
C LEU A 144 -26.60 10.37 27.11
N VAL A 145 -26.03 11.56 27.29
CA VAL A 145 -25.77 12.09 28.61
C VAL A 145 -27.00 12.12 29.53
N THR A 146 -28.08 12.66 29.00
CA THR A 146 -29.40 12.86 29.64
C THR A 146 -30.01 11.47 29.92
N GLN A 147 -30.04 10.59 28.94
CA GLN A 147 -30.78 9.32 29.09
C GLN A 147 -30.02 8.17 29.83
N ALA A 148 -28.70 8.20 29.89
CA ALA A 148 -27.90 7.12 30.50
C ALA A 148 -27.32 7.48 31.86
N ASN A 149 -27.57 8.71 32.33
CA ASN A 149 -26.99 9.24 33.59
C ASN A 149 -25.47 9.23 33.72
N ILE A 150 -24.80 9.49 32.63
CA ILE A 150 -23.36 9.54 32.68
C ILE A 150 -22.85 10.98 32.85
N PRO A 151 -21.61 11.14 33.33
CA PRO A 151 -21.01 12.49 33.27
C PRO A 151 -20.89 13.07 31.85
N ASN A 152 -20.87 14.39 31.73
CA ASN A 152 -20.95 15.00 30.39
C ASN A 152 -19.50 15.21 29.88
N VAL A 153 -18.83 14.06 29.62
CA VAL A 153 -17.40 14.00 29.32
C VAL A 153 -17.26 12.87 28.39
N PHE A 154 -16.42 13.00 27.34
CA PHE A 154 -15.95 11.84 26.61
C PHE A 154 -14.44 12.02 26.34
N SER A 155 -13.81 10.98 25.83
CA SER A 155 -12.36 11.03 25.58
C SER A 155 -11.99 9.96 24.59
N MET A 156 -10.91 10.23 23.85
CA MET A 156 -10.56 9.41 22.72
C MET A 156 -9.06 9.23 22.56
N GLN A 157 -8.71 8.03 22.14
CA GLN A 157 -7.34 7.72 21.89
C GLN A 157 -7.30 7.09 20.54
N MET A 158 -6.46 7.69 19.73
CA MET A 158 -6.13 7.20 18.43
C MET A 158 -4.81 6.47 18.47
N CYS A 159 -4.82 5.23 18.04
CA CYS A 159 -3.57 4.55 17.83
C CYS A 159 -3.35 4.30 16.34
N GLY A 160 -3.17 5.34 15.55
CA GLY A 160 -2.96 5.16 14.09
C GLY A 160 -1.55 5.47 13.57
N ALA A 161 -0.83 6.32 14.30
CA ALA A 161 0.54 6.70 13.99
C ALA A 161 1.36 5.56 13.40
N GLY A 162 2.69 5.73 13.34
CA GLY A 162 3.57 4.77 12.66
C GLY A 162 3.31 4.76 11.17
N GLY A 172 -6.25 0.60 16.10
CA GLY A 172 -7.50 1.37 16.14
C GLY A 172 -7.49 2.41 17.26
N GLY A 173 -8.50 2.41 18.13
CA GLY A 173 -8.53 3.45 19.14
C GLY A 173 -9.58 3.30 20.19
N SER A 174 -9.82 4.32 21.00
CA SER A 174 -10.91 4.15 21.99
C SER A 174 -11.75 5.39 22.13
N LEU A 175 -13.06 5.21 22.24
CA LEU A 175 -13.86 6.37 22.51
C LEU A 175 -14.59 6.11 23.80
N VAL A 176 -14.29 6.89 24.83
CA VAL A 176 -14.88 6.56 26.14
C VAL A 176 -15.99 7.53 26.41
N LEU A 177 -17.21 7.04 26.50
CA LEU A 177 -18.34 7.94 26.55
C LEU A 177 -18.82 8.02 28.00
N GLY A 178 -18.58 9.18 28.62
CA GLY A 178 -18.96 9.40 30.00
C GLY A 178 -17.83 9.38 31.01
N GLY A 179 -16.57 9.33 30.57
CA GLY A 179 -15.45 9.53 31.47
C GLY A 179 -14.09 9.41 30.84
N ILE A 180 -13.20 8.89 31.64
CA ILE A 180 -11.79 8.81 31.42
C ILE A 180 -11.30 7.43 31.87
N GLU A 181 -10.41 6.82 31.08
CA GLU A 181 -9.92 5.46 31.39
C GLU A 181 -8.40 5.54 31.51
N PRO A 182 -7.90 5.34 32.75
CA PRO A 182 -6.50 5.38 33.20
C PRO A 182 -5.53 4.60 32.33
N SER A 183 -5.93 3.45 31.83
CA SER A 183 -5.00 2.64 31.04
C SER A 183 -4.70 3.24 29.65
N LEU A 184 -5.47 4.24 29.24
CA LEU A 184 -5.29 4.83 27.93
C LEU A 184 -4.24 5.95 28.01
N TYR A 185 -3.79 6.31 29.19
CA TYR A 185 -2.70 7.32 29.25
C TYR A 185 -1.64 7.02 30.31
N LYS A 186 -0.58 7.82 30.32
CA LYS A 186 0.50 7.80 31.30
C LYS A 186 0.88 9.26 31.63
N GLY A 187 1.46 9.49 32.81
CA GLY A 187 1.74 10.88 33.24
C GLY A 187 0.48 11.63 33.63
N ASP A 188 0.56 12.95 33.68
CA ASP A 188 -0.55 13.84 34.07
C ASP A 188 -1.40 14.31 32.86
N ILE A 189 -2.64 14.63 33.13
CA ILE A 189 -3.50 15.20 32.12
C ILE A 189 -3.42 16.71 32.32
N TRP A 190 -3.13 17.46 31.28
CA TRP A 190 -3.30 18.90 31.39
C TRP A 190 -4.54 19.46 30.68
N TYR A 191 -5.17 20.40 31.34
CA TYR A 191 -6.43 20.94 30.89
C TYR A 191 -6.30 22.35 30.37
N THR A 192 -6.82 22.60 29.16
CA THR A 192 -6.90 23.96 28.66
C THR A 192 -8.37 24.36 28.50
N PRO A 193 -8.67 25.64 28.78
CA PRO A 193 -10.09 25.98 28.82
C PRO A 193 -10.73 25.94 27.42
N ILE A 194 -12.00 25.53 27.40
CA ILE A 194 -12.81 25.75 26.22
C ILE A 194 -13.25 27.24 26.17
N LYS A 195 -12.93 27.92 25.08
CA LYS A 195 -13.09 29.38 25.03
C LYS A 195 -14.46 29.70 24.60
N GLU A 196 -15.06 28.78 23.85
CA GLU A 196 -16.40 28.93 23.30
C GLU A 196 -16.98 27.55 22.99
N GLU A 197 -18.22 27.34 23.38
CA GLU A 197 -18.92 26.06 23.20
C GLU A 197 -19.62 25.97 21.85
N TRP A 198 -18.83 25.66 20.81
CA TRP A 198 -19.36 25.44 19.46
C TRP A 198 -18.64 24.30 18.75
N TYR A 199 -17.50 24.63 18.15
CA TYR A 199 -16.46 23.67 17.99
C TYR A 199 -15.86 23.46 19.35
N TYR A 200 -14.89 22.55 19.48
CA TYR A 200 -14.12 22.55 20.69
C TYR A 200 -12.97 23.58 20.53
N GLN A 201 -13.30 24.83 20.79
CA GLN A 201 -12.39 25.96 20.65
C GLN A 201 -11.47 26.18 21.83
N ILE A 202 -10.17 26.12 21.58
CA ILE A 202 -9.20 26.30 22.63
C ILE A 202 -8.17 27.41 22.28
N GLU A 203 -7.42 27.82 23.27
CA GLU A 203 -6.64 29.06 23.18
C GLU A 203 -5.16 28.69 23.06
N ILE A 204 -4.64 28.81 21.84
CA ILE A 204 -3.24 28.56 21.56
C ILE A 204 -2.44 29.81 21.86
N LEU A 205 -1.37 29.67 22.63
CA LEU A 205 -0.46 30.82 22.96
C LEU A 205 0.84 30.99 22.19
N LYS A 206 1.32 29.92 21.57
CA LYS A 206 2.69 29.95 21.01
C LYS A 206 2.96 28.70 20.24
N LEU A 207 3.51 28.86 19.05
CA LEU A 207 4.03 27.73 18.29
C LEU A 207 5.53 27.80 18.23
N GLU A 208 6.16 26.69 18.57
CA GLU A 208 7.62 26.57 18.49
C GLU A 208 8.00 25.52 17.52
N ILE A 209 8.90 25.88 16.61
CA ILE A 209 9.52 24.91 15.73
C ILE A 209 10.97 24.61 16.12
N GLY A 210 11.25 23.32 16.28
CA GLY A 210 12.54 22.85 16.75
C GLY A 210 13.11 23.77 17.80
N GLY A 211 12.24 24.15 18.74
CA GLY A 211 12.57 24.94 19.93
C GLY A 211 12.72 26.45 19.73
N GLN A 212 12.45 26.97 18.52
CA GLN A 212 12.45 28.41 18.22
C GLN A 212 10.99 28.88 18.03
N SER A 213 10.66 30.03 18.57
CA SER A 213 9.29 30.53 18.50
C SER A 213 9.10 31.12 17.13
N LEU A 214 7.88 31.04 16.61
CA LEU A 214 7.55 31.77 15.39
C LEU A 214 7.44 33.26 15.74
N ASN A 215 7.67 34.13 14.78
CA ASN A 215 7.73 35.56 15.10
C ASN A 215 6.32 36.22 15.23
N LEU A 216 5.34 35.46 15.70
CA LEU A 216 3.95 35.81 15.41
C LEU A 216 3.21 36.24 16.61
N ASP A 217 2.40 37.26 16.43
CA ASP A 217 1.50 37.67 17.47
C ASP A 217 0.58 36.46 17.82
N CYS A 218 0.38 36.18 19.11
CA CYS A 218 -0.39 35.00 19.48
C CYS A 218 -1.80 34.97 18.91
N ARG A 219 -2.28 36.06 18.34
CA ARG A 219 -3.66 36.11 17.84
C ARG A 219 -3.74 35.45 16.47
N GLU A 220 -2.60 35.37 15.81
CA GLU A 220 -2.55 34.66 14.54
C GLU A 220 -3.01 33.20 14.60
N TYR A 221 -2.89 32.57 15.78
CA TYR A 221 -3.18 31.14 15.96
C TYR A 221 -4.68 30.91 16.13
N ASN A 222 -5.33 31.94 16.65
CA ASN A 222 -6.73 31.95 17.01
C ASN A 222 -7.58 32.86 16.18
N ALA A 223 -7.07 33.17 14.98
CA ALA A 223 -7.87 33.74 13.89
C ALA A 223 -8.26 32.64 12.85
N ASP A 224 -9.55 32.32 12.75
CA ASP A 224 -10.57 32.92 13.61
C ASP A 224 -11.01 31.93 14.71
N LYS A 225 -10.36 30.77 14.79
CA LYS A 225 -10.57 29.89 15.93
C LYS A 225 -9.49 28.79 15.99
N ALA A 226 -9.10 28.38 17.18
CA ALA A 226 -8.32 27.15 17.20
C ALA A 226 -9.19 25.99 17.76
N ILE A 227 -9.31 24.90 16.99
CA ILE A 227 -10.23 23.83 17.38
C ILE A 227 -9.61 22.42 17.36
N VAL A 228 -10.20 21.50 18.16
CA VAL A 228 -9.82 20.09 18.18
C VAL A 228 -10.85 19.22 17.47
N ASP A 229 -10.40 18.56 16.39
CA ASP A 229 -11.34 17.95 15.45
C ASP A 229 -10.93 16.57 14.97
N SER A 230 -11.52 15.55 15.53
CA SER A 230 -11.10 14.18 15.15
C SER A 230 -11.56 13.90 13.70
N GLY A 231 -12.33 14.85 13.14
CA GLY A 231 -12.88 14.71 11.80
C GLY A 231 -12.05 15.31 10.68
N THR A 232 -10.82 15.72 11.01
CA THR A 232 -9.93 16.39 10.07
C THR A 232 -8.64 15.62 10.21
N THR A 233 -8.06 15.20 9.09
CA THR A 233 -6.86 14.41 9.13
C THR A 233 -5.57 15.20 9.51
N LEU A 234 -5.38 16.36 8.90
CA LEU A 234 -4.09 17.09 8.99
C LEU A 234 -4.12 18.13 10.08
N LEU A 235 -2.96 18.66 10.50
CA LEU A 235 -2.97 19.83 11.38
C LEU A 235 -3.15 20.91 10.35
N ARG A 236 -4.20 21.68 10.47
CA ARG A 236 -4.47 22.68 9.45
C ARG A 236 -4.21 24.04 10.08
N LEU A 237 -3.53 24.92 9.32
CA LEU A 237 -3.03 26.22 9.85
C LEU A 237 -3.43 27.42 8.94
N PRO A 238 -3.85 28.58 9.55
CA PRO A 238 -4.19 29.74 8.71
C PRO A 238 -3.00 30.05 7.81
N GLN A 239 -3.22 30.59 6.62
CA GLN A 239 -2.12 30.70 5.66
C GLN A 239 -0.88 31.36 6.27
N LYS A 240 -1.03 32.56 6.83
CA LYS A 240 0.10 33.22 7.46
C LYS A 240 0.90 32.29 8.42
N VAL A 241 0.21 31.53 9.29
CA VAL A 241 0.87 30.59 10.24
C VAL A 241 1.59 29.46 9.50
N PHE A 242 0.91 28.90 8.52
CA PHE A 242 1.45 27.86 7.65
C PHE A 242 2.66 28.32 6.82
N ASP A 243 2.72 29.61 6.49
CA ASP A 243 3.91 30.15 5.82
C ASP A 243 5.12 30.21 6.79
N ALA A 244 4.90 30.75 7.98
CA ALA A 244 5.89 30.64 9.03
C ALA A 244 6.30 29.19 9.31
N VAL A 245 5.33 28.31 9.49
CA VAL A 245 5.67 26.93 9.81
C VAL A 245 6.51 26.24 8.72
N VAL A 246 6.11 26.32 7.46
CA VAL A 246 6.99 25.79 6.37
C VAL A 246 8.43 26.37 6.37
N GLU A 247 8.53 27.69 6.48
CA GLU A 247 9.83 28.37 6.43
C GLU A 247 10.70 27.88 7.59
N ALA A 248 10.16 28.01 8.80
CA ALA A 248 10.81 27.49 9.99
C ALA A 248 11.20 26.00 9.89
N VAL A 249 10.28 25.11 9.49
CA VAL A 249 10.59 23.68 9.32
C VAL A 249 11.69 23.45 8.28
N ALA A 250 11.55 24.05 7.11
CA ALA A 250 12.54 23.89 6.01
C ALA A 250 13.88 24.52 6.37
N ARG A 251 13.89 25.53 7.23
CA ARG A 251 15.17 26.08 7.72
C ARG A 251 15.87 25.05 8.61
N ALA A 252 15.19 24.65 9.69
CA ALA A 252 15.70 23.68 10.68
C ALA A 252 16.22 22.36 10.10
N SER A 253 15.82 21.99 8.89
CA SER A 253 16.39 20.80 8.22
C SER A 253 17.26 21.16 7.02
N ASP A 260 9.18 21.68 -3.19
CA ASP A 260 8.09 22.64 -2.93
C ASP A 260 6.70 22.01 -3.02
N GLY A 261 6.48 21.08 -3.95
CA GLY A 261 5.19 20.36 -4.03
C GLY A 261 4.80 19.66 -2.72
N PHE A 262 5.81 19.15 -2.02
CA PHE A 262 5.71 18.47 -0.73
C PHE A 262 4.91 19.32 0.26
N TRP A 263 5.32 20.58 0.43
CA TRP A 263 4.67 21.50 1.36
C TRP A 263 3.20 21.63 1.08
N THR A 264 2.88 21.74 -0.20
CA THR A 264 1.48 21.88 -0.58
C THR A 264 0.73 20.54 -0.60
N GLY A 265 1.42 19.43 -0.43
CA GLY A 265 0.76 18.13 -0.41
C GLY A 265 0.50 17.64 -1.82
N SER A 266 1.02 18.39 -2.77
CA SER A 266 1.04 18.03 -4.18
C SER A 266 1.96 16.83 -4.48
N GLN A 267 3.06 16.73 -3.75
CA GLN A 267 3.99 15.68 -4.03
C GLN A 267 4.35 14.99 -2.74
N LEU A 268 4.86 13.77 -2.84
CA LEU A 268 5.46 13.10 -1.70
C LEU A 268 6.95 13.09 -1.84
N ALA A 269 7.66 13.20 -0.72
CA ALA A 269 9.08 13.00 -0.76
C ALA A 269 9.41 11.59 -0.35
N CYS A 270 10.19 10.96 -1.22
CA CYS A 270 10.75 9.64 -1.02
C CYS A 270 12.18 9.75 -0.52
N TRP A 271 12.52 8.98 0.50
CA TRP A 271 13.88 8.94 1.06
C TRP A 271 14.12 7.47 1.34
N THR A 272 15.33 6.97 1.19
CA THR A 272 15.65 5.63 1.71
C THR A 272 15.68 5.67 3.24
N ASN A 273 15.71 4.48 3.85
CA ASN A 273 15.66 4.33 5.31
C ASN A 273 16.96 4.65 6.04
N SER A 274 18.08 4.49 5.34
CA SER A 274 19.37 4.97 5.87
C SER A 274 19.59 6.47 5.61
N GLU A 275 18.77 7.06 4.73
CA GLU A 275 18.65 8.51 4.60
C GLU A 275 17.98 9.08 5.87
N THR A 276 17.50 8.15 6.72
CA THR A 276 16.85 8.40 8.04
C THR A 276 16.11 9.74 8.12
N PRO A 277 14.95 9.87 7.49
CA PRO A 277 14.44 11.22 7.28
C PRO A 277 13.79 11.86 8.52
N TRP A 278 13.14 11.06 9.36
CA TRP A 278 12.67 11.54 10.66
C TRP A 278 13.72 12.23 11.55
N SER A 279 14.98 11.76 11.56
CA SER A 279 15.97 12.44 12.44
C SER A 279 16.43 13.84 11.95
N TYR A 280 16.00 14.28 10.78
CA TYR A 280 16.43 15.60 10.28
C TYR A 280 15.27 16.64 10.17
N PHE A 281 14.28 16.46 11.00
CA PHE A 281 13.18 17.41 11.03
C PHE A 281 12.93 17.78 12.48
N PRO A 282 12.44 19.00 12.71
CA PRO A 282 12.26 19.44 14.09
C PRO A 282 10.93 19.01 14.73
N LYS A 283 10.92 19.02 16.05
CA LYS A 283 9.72 18.96 16.87
C LYS A 283 8.91 20.21 16.56
N ILE A 284 7.59 20.08 16.63
CA ILE A 284 6.67 21.20 16.61
C ILE A 284 5.92 21.24 17.92
N SER A 285 6.08 22.33 18.66
CA SER A 285 5.32 22.55 19.92
C SER A 285 4.21 23.63 19.90
N ILE A 286 3.11 23.30 20.58
CA ILE A 286 1.91 24.14 20.67
C ILE A 286 1.62 24.35 22.14
N TYR A 287 1.61 25.63 22.47
CA TYR A 287 1.42 26.04 23.82
C TYR A 287 -0.02 26.47 24.06
N LEU A 288 -0.57 25.94 25.16
CA LEU A 288 -1.98 26.16 25.47
C LEU A 288 -2.09 26.66 26.88
N ARG A 289 -3.09 27.52 27.14
CA ARG A 289 -3.24 28.05 28.49
C ARG A 289 -3.66 27.04 29.49
N ASP A 290 -3.05 27.04 30.69
CA ASP A 290 -3.53 26.20 31.82
C ASP A 290 -4.87 26.79 32.31
N GLU A 291 -5.59 26.06 33.19
CA GLU A 291 -6.82 26.54 33.84
C GLU A 291 -6.43 27.64 34.79
N ASN A 292 -5.26 27.45 35.37
CA ASN A 292 -4.55 28.53 36.03
C ASN A 292 -4.02 29.50 34.94
N SER A 293 -4.70 30.62 34.70
CA SER A 293 -4.37 31.45 33.51
C SER A 293 -2.95 32.02 33.54
N SER A 294 -2.35 32.10 34.73
CA SER A 294 -0.93 32.55 34.73
C SER A 294 0.08 31.46 34.21
N ARG A 295 -0.44 30.34 33.68
CA ARG A 295 0.41 29.24 33.29
C ARG A 295 -0.09 28.64 31.99
N SER A 296 0.81 27.92 31.33
CA SER A 296 0.57 27.14 30.12
C SER A 296 1.28 25.79 30.21
N PHE A 297 0.87 24.82 29.39
CA PHE A 297 1.66 23.60 29.13
C PHE A 297 1.85 23.52 27.64
N ARG A 298 2.84 22.73 27.19
CA ARG A 298 3.00 22.43 25.76
C ARG A 298 2.79 20.97 25.34
N ILE A 299 2.03 20.81 24.26
CA ILE A 299 2.03 19.58 23.50
C ILE A 299 2.93 19.66 22.32
N THR A 300 3.64 18.56 22.11
CA THR A 300 4.65 18.47 21.09
C THR A 300 4.47 17.19 20.24
N ILE A 301 4.56 17.35 18.91
CA ILE A 301 4.71 16.20 17.99
C ILE A 301 6.13 16.11 17.40
N LEU A 302 6.55 14.90 17.03
CA LEU A 302 7.86 14.73 16.37
C LEU A 302 7.59 14.46 14.92
N PRO A 303 8.63 14.54 14.06
CA PRO A 303 8.59 14.24 12.65
C PRO A 303 7.72 13.03 12.29
N GLN A 304 7.81 11.94 13.03
CA GLN A 304 6.92 10.74 12.92
C GLN A 304 5.45 11.02 12.69
N LEU A 305 4.95 12.11 13.24
CA LEU A 305 3.53 12.35 13.23
C LEU A 305 3.17 13.28 12.13
N TYR A 306 4.12 14.11 11.68
CA TYR A 306 3.77 15.14 10.71
C TYR A 306 4.52 14.92 9.37
N ILE A 307 5.47 14.00 9.38
CA ILE A 307 6.12 13.57 8.13
C ILE A 307 5.72 12.11 7.92
N GLN A 308 4.63 11.92 7.18
CA GLN A 308 3.92 10.64 7.22
C GLN A 308 4.27 9.72 6.08
N PRO A 309 4.69 8.49 6.43
CA PRO A 309 4.93 7.37 5.51
C PRO A 309 3.65 7.02 4.79
N MET A 310 3.68 7.02 3.46
CA MET A 310 2.45 6.83 2.70
C MET A 310 2.22 5.42 2.19
N MET A 311 3.28 4.66 1.91
CA MET A 311 3.08 3.35 1.27
C MET A 311 2.99 2.10 2.18
N GLY A 312 3.70 2.13 3.33
CA GLY A 312 3.71 1.01 4.28
C GLY A 312 4.00 -0.34 3.62
N ALA A 313 4.74 -0.27 2.51
CA ALA A 313 4.98 -1.41 1.60
C ALA A 313 6.16 -2.27 2.07
N GLY A 314 6.79 -1.86 3.18
CA GLY A 314 7.92 -2.51 3.82
C GLY A 314 9.19 -2.60 2.95
N LEU A 315 9.49 -1.54 2.19
CA LEU A 315 10.65 -1.55 1.31
C LEU A 315 11.87 -0.94 2.00
N ASN A 316 12.92 -0.60 1.26
CA ASN A 316 14.07 0.10 1.88
C ASN A 316 14.01 1.63 1.67
N TYR A 317 12.80 2.09 1.34
CA TYR A 317 12.54 3.53 1.13
C TYR A 317 11.04 3.76 1.32
N GLU A 318 10.72 4.94 1.80
CA GLU A 318 9.36 5.30 2.01
C GLU A 318 9.11 6.63 1.31
N CYS A 319 7.86 6.94 0.96
CA CYS A 319 7.52 8.27 0.47
C CYS A 319 6.51 8.95 1.41
N TYR A 320 6.69 10.23 1.63
CA TYR A 320 6.06 10.88 2.77
C TYR A 320 5.27 12.11 2.31
N ARG A 321 4.21 12.44 3.03
CA ARG A 321 3.50 13.69 2.81
C ARG A 321 3.68 14.51 4.07
N PHE A 322 3.58 15.83 3.92
CA PHE A 322 3.73 16.78 5.01
C PHE A 322 2.38 16.74 5.64
N GLY A 323 2.29 16.61 6.96
CA GLY A 323 0.99 16.33 7.61
C GLY A 323 0.39 17.61 8.14
N ILE A 324 0.74 18.71 7.50
CA ILE A 324 0.20 20.01 7.81
C ILE A 324 -0.20 20.66 6.51
N SER A 325 -1.27 21.46 6.56
CA SER A 325 -1.96 21.99 5.38
C SER A 325 -2.53 23.40 5.64
N PRO A 326 -2.65 24.24 4.60
CA PRO A 326 -3.17 25.55 4.99
C PRO A 326 -4.69 25.51 5.11
N SER A 327 -5.24 26.36 5.98
CA SER A 327 -6.68 26.61 6.04
C SER A 327 -6.93 28.09 5.77
N THR A 328 -8.14 28.44 5.36
CA THR A 328 -8.56 29.83 5.40
C THR A 328 -8.91 30.28 6.85
N ASN A 329 -9.95 29.75 7.44
CA ASN A 329 -10.51 30.41 8.63
C ASN A 329 -10.23 29.78 10.01
N ALA A 330 -9.27 28.86 10.11
CA ALA A 330 -9.10 28.07 11.37
C ALA A 330 -7.73 27.40 11.56
N LEU A 331 -7.25 27.31 12.79
CA LEU A 331 -6.17 26.38 13.12
C LEU A 331 -6.89 25.09 13.59
N VAL A 332 -6.79 24.06 12.78
CA VAL A 332 -7.53 22.82 13.08
C VAL A 332 -6.50 21.87 13.66
N ILE A 333 -6.62 21.55 14.95
CA ILE A 333 -5.83 20.48 15.55
C ILE A 333 -6.46 19.09 15.24
N GLY A 334 -6.21 18.63 14.03
CA GLY A 334 -6.72 17.37 13.50
C GLY A 334 -5.95 16.14 13.96
N ALA A 335 -6.28 15.01 13.31
CA ALA A 335 -5.77 13.67 13.63
C ALA A 335 -4.31 13.73 13.94
N THR A 336 -3.59 14.53 13.16
CA THR A 336 -2.16 14.34 13.17
C THR A 336 -1.42 14.90 14.39
N VAL A 337 -2.13 15.74 15.15
CA VAL A 337 -1.74 16.08 16.48
C VAL A 337 -2.48 15.12 17.44
N MET A 338 -3.77 14.88 17.24
CA MET A 338 -4.55 14.06 18.22
C MET A 338 -4.03 12.62 18.47
N GLU A 339 -3.54 12.01 17.41
CA GLU A 339 -2.96 10.68 17.48
C GLU A 339 -1.71 10.64 18.32
N GLY A 340 -1.18 11.80 18.71
CA GLY A 340 -0.11 11.87 19.70
C GLY A 340 -0.54 11.70 21.16
N PHE A 341 -1.81 11.97 21.49
CA PHE A 341 -2.27 12.12 22.88
C PHE A 341 -3.59 11.46 23.17
N TYR A 342 -3.83 11.19 24.43
CA TYR A 342 -5.16 10.96 24.88
C TYR A 342 -5.80 12.32 25.12
N VAL A 343 -6.97 12.53 24.53
CA VAL A 343 -7.69 13.84 24.57
C VAL A 343 -9.06 13.66 25.26
N ILE A 344 -9.25 14.39 26.35
CA ILE A 344 -10.48 14.39 27.13
C ILE A 344 -11.31 15.65 26.78
N PHE A 345 -12.56 15.45 26.37
CA PHE A 345 -13.51 16.53 26.05
C PHE A 345 -14.46 16.67 27.21
N ASP A 346 -14.05 17.49 28.14
CA ASP A 346 -14.78 17.53 29.37
C ASP A 346 -15.74 18.68 29.31
N ARG A 347 -16.86 18.44 28.68
CA ARG A 347 -17.83 19.47 28.54
C ARG A 347 -18.32 19.99 29.88
N ALA A 348 -18.46 19.13 30.88
CA ALA A 348 -18.91 19.59 32.19
C ALA A 348 -18.16 20.77 32.78
N GLN A 349 -16.82 20.70 32.77
CA GLN A 349 -16.06 21.70 33.48
C GLN A 349 -15.44 22.62 32.44
N LYS A 350 -16.03 22.63 31.26
CA LYS A 350 -15.60 23.46 30.12
C LYS A 350 -14.12 23.40 29.74
N ARG A 351 -13.59 22.24 29.39
CA ARG A 351 -12.15 22.11 29.23
C ARG A 351 -11.78 20.90 28.40
N VAL A 352 -10.59 20.97 27.77
CA VAL A 352 -10.01 19.86 26.96
C VAL A 352 -8.68 19.39 27.59
N GLY A 353 -8.62 18.11 27.93
CA GLY A 353 -7.44 17.49 28.56
C GLY A 353 -6.54 16.89 27.48
N PHE A 354 -5.23 16.98 27.68
CA PHE A 354 -4.29 16.25 26.84
C PHE A 354 -3.42 15.37 27.75
N ALA A 355 -3.11 14.17 27.27
CA ALA A 355 -2.14 13.34 27.96
C ALA A 355 -1.28 12.53 26.97
N ALA A 356 0.00 12.34 27.28
CA ALA A 356 0.80 11.32 26.54
C ALA A 356 0.02 9.98 26.43
N SER A 357 0.12 9.37 25.28
CA SER A 357 -0.65 8.24 24.92
C SER A 357 0.38 7.11 24.68
N PRO A 358 0.42 6.13 25.60
CA PRO A 358 1.22 4.92 25.49
C PRO A 358 1.13 4.24 24.11
N CYS A 359 -0.07 4.11 23.53
CA CYS A 359 -0.20 3.52 22.19
C CYS A 359 0.34 4.46 21.09
N ALA A 360 0.80 5.65 21.48
CA ALA A 360 1.58 6.47 20.55
C ALA A 360 3.09 6.18 20.69
N GLU A 361 3.50 5.02 20.20
CA GLU A 361 4.92 4.74 20.08
C GLU A 361 5.18 3.97 18.80
N ILE A 362 6.22 4.38 18.06
CA ILE A 362 6.66 3.61 16.89
C ILE A 362 7.91 2.80 17.22
N ALA A 363 7.80 1.47 17.06
CA ALA A 363 8.83 0.52 17.46
C ALA A 363 8.96 0.42 18.98
N GLY A 364 8.26 1.32 19.70
CA GLY A 364 8.53 1.58 21.11
C GLY A 364 9.06 3.00 21.33
N ALA A 365 9.32 3.72 20.23
CA ALA A 365 9.67 5.14 20.27
C ALA A 365 8.45 6.10 20.38
N ALA A 366 8.49 6.98 21.38
CA ALA A 366 7.54 8.08 21.52
C ALA A 366 7.61 9.05 20.33
N VAL A 367 6.44 9.53 19.97
CA VAL A 367 6.22 10.26 18.73
C VAL A 367 5.64 11.57 19.17
N SER A 368 5.53 11.76 20.48
CA SER A 368 4.87 12.96 21.02
C SER A 368 5.34 13.23 22.42
N GLU A 369 5.10 14.45 22.91
CA GLU A 369 5.57 14.92 24.22
C GLU A 369 4.55 15.85 24.87
N ILE A 370 4.45 15.80 26.20
CA ILE A 370 3.74 16.80 26.95
C ILE A 370 4.59 17.26 28.16
N SER A 371 4.72 18.55 28.41
CA SER A 371 5.35 19.04 29.65
C SER A 371 4.79 20.39 30.10
N GLY A 372 5.20 20.86 31.26
CA GLY A 372 4.75 22.14 31.80
C GLY A 372 4.90 22.17 33.30
N PRO A 373 4.49 23.27 33.98
CA PRO A 373 3.94 24.46 33.39
C PRO A 373 5.04 25.49 32.99
N PHE A 374 4.69 26.49 32.19
CA PHE A 374 5.59 27.57 31.83
C PHE A 374 4.78 28.80 32.15
N SER A 375 5.47 29.92 32.36
CA SER A 375 4.82 31.17 32.70
C SER A 375 4.16 31.75 31.46
N THR A 376 3.04 32.44 31.70
CA THR A 376 2.38 33.23 30.65
C THR A 376 2.65 34.75 30.76
N GLU A 377 3.60 35.15 31.59
CA GLU A 377 4.07 36.57 31.58
C GLU A 377 4.23 37.08 30.13
N ASP A 378 5.00 36.35 29.34
CA ASP A 378 5.31 36.69 27.97
C ASP A 378 4.14 36.91 26.99
N VAL A 379 2.95 36.41 27.27
CA VAL A 379 1.89 36.48 26.28
C VAL A 379 0.67 37.27 26.79
N ALA A 380 -0.17 37.80 25.90
CA ALA A 380 -1.40 38.50 26.32
C ALA A 380 -2.31 37.59 27.16
N SER A 381 -3.30 38.18 27.83
CA SER A 381 -4.09 37.46 28.82
C SER A 381 -5.28 36.86 28.12
N ASN A 382 -5.59 37.39 26.94
CA ASN A 382 -6.50 36.75 26.03
C ASN A 382 -5.93 36.76 24.61
N CYS A 383 -5.57 35.57 24.08
CA CYS A 383 -5.07 35.44 22.68
C CYS A 383 -6.16 35.22 21.61
N VAL A 384 -7.42 35.33 21.97
CA VAL A 384 -8.46 35.17 20.96
C VAL A 384 -9.05 36.56 20.60
N PRO A 385 -8.96 36.98 19.32
CA PRO A 385 -9.54 38.29 18.99
C PRO A 385 -11.06 38.32 19.17
N PHE B 3 5.19 -27.35 -21.34
CA PHE B 3 5.22 -26.21 -22.32
C PHE B 3 4.04 -25.23 -22.16
N LEU B 4 2.81 -25.70 -22.39
CA LEU B 4 1.60 -24.88 -22.03
C LEU B 4 1.36 -24.96 -20.52
N ALA B 5 2.09 -25.88 -19.88
CA ALA B 5 2.20 -25.93 -18.43
C ALA B 5 3.00 -24.73 -17.93
N MET B 6 3.70 -24.03 -18.85
CA MET B 6 4.56 -22.90 -18.42
C MET B 6 3.83 -21.58 -18.26
N VAL B 7 2.55 -21.57 -18.62
CA VAL B 7 1.71 -20.38 -18.60
C VAL B 7 1.45 -20.06 -17.13
N ASP B 8 1.61 -18.79 -16.74
CA ASP B 8 1.41 -18.35 -15.33
C ASP B 8 2.34 -18.97 -14.28
N ASN B 9 3.58 -19.33 -14.68
CA ASN B 9 4.58 -19.90 -13.75
C ASN B 9 5.37 -18.94 -12.87
N LEU B 10 5.22 -17.62 -13.10
CA LEU B 10 5.93 -16.54 -12.36
C LEU B 10 5.03 -15.83 -11.45
N GLN B 11 5.54 -15.47 -10.27
CA GLN B 11 4.84 -14.53 -9.43
C GLN B 11 5.57 -13.20 -9.41
N GLY B 12 5.00 -12.22 -8.71
CA GLY B 12 5.68 -10.94 -8.51
C GLY B 12 5.12 -9.82 -9.35
N ASP B 13 5.81 -8.69 -9.37
CA ASP B 13 5.36 -7.60 -10.21
C ASP B 13 6.53 -6.86 -10.85
N SER B 14 6.20 -5.83 -11.62
CA SER B 14 7.19 -4.96 -12.28
C SER B 14 7.98 -4.06 -11.31
N GLY B 15 7.43 -3.86 -10.11
CA GLY B 15 8.09 -3.11 -9.03
C GLY B 15 9.07 -3.96 -8.23
N ARG B 16 8.63 -5.14 -7.79
CA ARG B 16 9.49 -6.03 -7.00
C ARG B 16 10.15 -7.19 -7.75
N GLY B 17 9.90 -7.31 -9.06
CA GLY B 17 10.52 -8.34 -9.91
C GLY B 17 9.59 -9.56 -10.10
N TYR B 18 9.83 -10.37 -11.15
CA TYR B 18 9.05 -11.60 -11.37
C TYR B 18 9.95 -12.75 -11.12
N TYR B 19 9.41 -13.74 -10.45
CA TYR B 19 10.26 -14.83 -10.03
C TYR B 19 9.63 -16.20 -10.20
N LEU B 20 10.49 -17.19 -10.22
CA LEU B 20 10.12 -18.49 -10.62
C LEU B 20 10.40 -19.41 -9.46
N GLU B 21 9.52 -20.37 -9.27
CA GLU B 21 9.81 -21.44 -8.37
C GLU B 21 10.73 -22.46 -9.03
N MET B 22 11.64 -22.97 -8.22
CA MET B 22 12.70 -23.88 -8.67
C MET B 22 12.92 -24.76 -7.45
N LEU B 23 13.12 -26.05 -7.74
CA LEU B 23 13.43 -27.04 -6.76
C LEU B 23 14.90 -27.48 -6.89
N ILE B 24 15.64 -27.41 -5.79
CA ILE B 24 17.05 -27.65 -5.84
C ILE B 24 17.56 -28.65 -4.83
N GLY B 25 18.43 -29.52 -5.34
CA GLY B 25 19.08 -30.57 -4.58
C GLY B 25 18.18 -31.77 -4.32
N THR B 26 18.65 -32.63 -3.40
CA THR B 26 18.04 -33.89 -3.07
C THR B 26 18.08 -34.14 -1.53
N PRO B 27 16.91 -34.21 -0.86
CA PRO B 27 15.56 -33.98 -1.39
C PRO B 27 15.48 -32.52 -1.85
N PRO B 28 14.44 -32.15 -2.62
CA PRO B 28 14.46 -30.79 -3.16
C PRO B 28 14.19 -29.69 -2.15
N GLN B 29 15.02 -28.63 -2.14
CA GLN B 29 14.67 -27.39 -1.49
C GLN B 29 14.02 -26.42 -2.50
N LYS B 30 13.01 -25.73 -1.99
CA LYS B 30 12.16 -24.92 -2.80
C LYS B 30 12.56 -23.46 -2.62
N LEU B 31 13.01 -22.82 -3.70
CA LEU B 31 13.35 -21.42 -3.62
C LEU B 31 12.63 -20.56 -4.68
N GLN B 32 12.65 -19.25 -4.45
N GLN B 32 12.64 -19.25 -4.48
CA GLN B 32 12.00 -18.23 -5.30
CA GLN B 32 11.96 -18.33 -5.38
C GLN B 32 13.05 -17.41 -6.06
C GLN B 32 12.99 -17.43 -6.07
N ILE B 33 13.17 -17.66 -7.37
CA ILE B 33 14.31 -17.13 -8.14
C ILE B 33 13.80 -16.07 -9.12
N LEU B 34 14.23 -14.82 -8.93
CA LEU B 34 14.06 -13.74 -9.89
C LEU B 34 14.51 -14.09 -11.32
N VAL B 35 13.67 -13.81 -12.32
CA VAL B 35 14.06 -14.01 -13.71
C VAL B 35 14.81 -12.75 -14.19
N ASP B 36 16.09 -12.91 -14.53
CA ASP B 36 16.90 -11.79 -14.93
C ASP B 36 17.67 -11.99 -16.25
N THR B 37 17.17 -11.35 -17.30
CA THR B 37 17.76 -11.47 -18.61
C THR B 37 18.97 -10.56 -18.80
N GLY B 38 19.33 -9.77 -17.77
CA GLY B 38 20.54 -8.94 -17.78
C GLY B 38 21.80 -9.42 -17.04
N SER B 39 21.89 -10.70 -16.71
CA SER B 39 23.12 -11.25 -16.18
C SER B 39 23.06 -12.73 -16.48
N SER B 40 23.95 -13.52 -15.90
CA SER B 40 24.10 -14.85 -16.41
C SER B 40 24.48 -15.88 -15.40
N ASN B 41 24.54 -15.50 -14.14
CA ASN B 41 24.73 -16.49 -13.09
C ASN B 41 23.45 -17.00 -12.46
N PHE B 42 23.53 -18.19 -11.89
CA PHE B 42 22.45 -18.72 -11.11
C PHE B 42 22.94 -18.66 -9.68
N ALA B 43 22.40 -17.72 -8.91
CA ALA B 43 22.83 -17.58 -7.53
C ALA B 43 21.65 -17.51 -6.58
N VAL B 44 21.78 -18.18 -5.44
CA VAL B 44 20.71 -18.30 -4.43
C VAL B 44 21.32 -18.05 -3.05
N ALA B 45 20.56 -17.41 -2.16
CA ALA B 45 20.91 -17.45 -0.72
C ALA B 45 21.39 -18.83 -0.21
N GLY B 46 22.59 -18.81 0.42
CA GLY B 46 23.20 -19.97 1.01
C GLY B 46 23.29 -19.89 2.53
N THR B 47 22.77 -18.83 3.13
CA THR B 47 22.82 -18.73 4.58
C THR B 47 21.56 -17.93 4.96
N PRO B 48 21.07 -18.06 6.20
CA PRO B 48 19.93 -17.20 6.53
C PRO B 48 20.32 -15.73 6.38
N HIS B 49 19.33 -14.92 6.04
CA HIS B 49 19.53 -13.47 5.94
C HIS B 49 18.27 -12.82 6.50
N SER B 50 18.35 -11.52 6.79
CA SER B 50 17.27 -10.81 7.48
C SER B 50 16.03 -10.74 6.61
N TYR B 51 16.20 -10.40 5.32
CA TYR B 51 15.02 -10.14 4.52
C TYR B 51 14.64 -11.31 3.65
N ILE B 52 15.06 -12.51 4.05
CA ILE B 52 14.63 -13.71 3.36
C ILE B 52 14.11 -14.74 4.36
N ASP B 53 13.15 -15.53 3.90
CA ASP B 53 12.50 -16.66 4.59
C ASP B 53 13.25 -17.96 4.50
N THR B 54 13.87 -18.18 3.36
CA THR B 54 14.48 -19.45 3.21
C THR B 54 15.66 -19.39 2.26
N TYR B 55 16.51 -20.38 2.36
CA TYR B 55 17.72 -20.39 1.58
C TYR B 55 18.00 -21.84 1.24
N PHE B 56 18.91 -22.03 0.29
CA PHE B 56 19.40 -23.36 -0.05
C PHE B 56 20.49 -23.76 0.95
N ASP B 57 20.22 -24.77 1.78
CA ASP B 57 21.25 -25.40 2.63
C ASP B 57 21.99 -26.52 1.89
N THR B 58 23.24 -26.28 1.52
CA THR B 58 23.95 -27.24 0.65
C THR B 58 24.24 -28.53 1.38
N GLU B 59 24.27 -28.46 2.71
CA GLU B 59 24.50 -29.62 3.56
C GLU B 59 23.30 -30.54 3.77
N ARG B 60 22.14 -30.19 3.23
CA ARG B 60 20.98 -31.09 3.27
C ARG B 60 20.75 -31.66 1.88
N SER B 61 21.64 -31.32 0.93
CA SER B 61 21.56 -31.94 -0.38
C SER B 61 22.58 -33.07 -0.55
N SER B 62 22.07 -34.26 -0.83
CA SER B 62 22.91 -35.43 -1.05
C SER B 62 23.64 -35.41 -2.38
N THR B 63 23.08 -34.66 -3.35
CA THR B 63 23.70 -34.55 -4.67
C THR B 63 24.56 -33.28 -4.88
N TYR B 64 24.53 -32.32 -3.97
CA TYR B 64 25.39 -31.12 -4.09
C TYR B 64 26.86 -31.55 -4.09
N ARG B 65 27.59 -30.99 -5.03
CA ARG B 65 29.04 -31.03 -5.02
C ARG B 65 29.61 -29.61 -5.20
N SER B 66 30.69 -29.30 -4.47
CA SER B 66 31.38 -27.99 -4.48
C SER B 66 32.51 -28.04 -5.50
N LYS B 67 32.59 -27.01 -6.33
CA LYS B 67 33.81 -26.79 -7.15
C LYS B 67 35.04 -26.35 -6.31
N GLY B 68 34.85 -25.98 -5.04
CA GLY B 68 35.95 -25.52 -4.20
C GLY B 68 36.52 -24.15 -4.54
N PHE B 69 35.75 -23.32 -5.27
CA PHE B 69 36.15 -21.88 -5.35
C PHE B 69 34.91 -21.01 -5.18
N ASP B 70 35.12 -19.73 -4.92
CA ASP B 70 33.96 -18.87 -4.80
C ASP B 70 34.01 -17.57 -5.62
N VAL B 71 32.86 -16.99 -5.93
CA VAL B 71 32.88 -15.86 -6.84
C VAL B 71 32.26 -14.65 -6.17
N THR B 72 32.80 -13.49 -6.53
CA THR B 72 32.23 -12.19 -6.19
C THR B 72 31.79 -11.44 -7.47
N VAL B 73 30.55 -10.96 -7.43
CA VAL B 73 29.97 -10.12 -8.43
C VAL B 73 29.70 -8.78 -7.74
N LYS B 74 30.31 -7.73 -8.30
CA LYS B 74 30.13 -6.31 -7.93
C LYS B 74 29.11 -5.67 -8.86
N TYR B 75 28.29 -4.77 -8.31
CA TYR B 75 27.42 -3.89 -9.10
C TYR B 75 27.27 -2.49 -8.43
N THR B 76 26.80 -1.48 -9.16
CA THR B 76 26.92 -0.05 -8.77
C THR B 76 26.75 0.28 -7.29
N GLN B 77 25.63 -0.18 -6.75
CA GLN B 77 25.38 -0.18 -5.32
C GLN B 77 25.19 -1.66 -4.95
N GLY B 78 26.19 -2.27 -4.30
CA GLY B 78 26.05 -3.64 -3.79
C GLY B 78 26.94 -4.75 -4.34
N SER B 79 26.77 -5.96 -3.82
CA SER B 79 27.53 -7.08 -4.29
C SER B 79 27.11 -8.35 -3.56
N TRP B 80 27.73 -9.47 -3.93
CA TRP B 80 27.30 -10.83 -3.51
C TRP B 80 28.45 -11.75 -3.81
N THR B 81 28.83 -12.52 -2.80
CA THR B 81 29.92 -13.42 -2.90
C THR B 81 29.24 -14.74 -2.63
N GLY B 82 29.72 -15.84 -3.26
CA GLY B 82 29.06 -17.13 -3.16
C GLY B 82 30.03 -18.24 -3.49
N PHE B 83 29.79 -19.43 -2.93
CA PHE B 83 30.57 -20.64 -3.21
C PHE B 83 30.06 -21.16 -4.50
N VAL B 84 30.95 -21.65 -5.35
CA VAL B 84 30.48 -22.21 -6.62
C VAL B 84 30.42 -23.71 -6.49
N GLY B 85 29.25 -24.25 -6.85
CA GLY B 85 29.05 -25.69 -6.90
C GLY B 85 28.06 -26.15 -7.99
N GLU B 86 27.54 -27.33 -7.77
CA GLU B 86 26.76 -28.01 -8.78
C GLU B 86 25.70 -28.84 -8.02
N ASP B 87 24.48 -28.87 -8.58
CA ASP B 87 23.42 -29.75 -8.08
C ASP B 87 22.30 -29.89 -9.11
N LEU B 88 21.39 -30.80 -8.80
CA LEU B 88 20.29 -31.12 -9.65
C LEU B 88 19.22 -30.09 -9.34
N VAL B 89 18.61 -29.52 -10.38
CA VAL B 89 17.46 -28.64 -10.27
C VAL B 89 16.26 -29.19 -11.07
N THR B 90 15.04 -28.99 -10.55
CA THR B 90 13.83 -29.21 -11.39
C THR B 90 13.01 -27.94 -11.45
N ILE B 91 12.25 -27.75 -12.53
CA ILE B 91 11.28 -26.65 -12.57
C ILE B 91 9.86 -27.23 -12.53
N PRO B 92 9.11 -26.99 -11.42
CA PRO B 92 7.80 -27.65 -11.25
C PRO B 92 6.82 -27.27 -12.36
N LYS B 93 6.86 -26.01 -12.78
CA LYS B 93 6.06 -25.56 -13.89
C LYS B 93 6.88 -25.56 -15.15
N GLY B 94 6.86 -26.71 -15.84
CA GLY B 94 7.47 -26.88 -17.17
C GLY B 94 8.12 -28.22 -17.53
N PHE B 95 8.55 -28.95 -16.48
CA PHE B 95 9.49 -30.07 -16.63
C PHE B 95 9.27 -31.24 -15.66
N ASN B 96 9.29 -32.45 -16.23
CA ASN B 96 9.11 -33.70 -15.51
C ASN B 96 10.35 -34.23 -14.83
N THR B 97 11.51 -33.64 -15.12
CA THR B 97 12.75 -34.26 -14.64
C THR B 97 13.72 -33.21 -14.17
N SER B 98 14.99 -33.56 -14.08
CA SER B 98 15.90 -32.69 -13.40
C SER B 98 17.21 -32.63 -14.13
N PHE B 99 17.94 -31.56 -13.93
CA PHE B 99 19.08 -31.29 -14.77
C PHE B 99 20.19 -30.79 -13.86
N LEU B 100 21.39 -31.10 -14.28
CA LEU B 100 22.51 -30.89 -13.43
C LEU B 100 23.15 -29.54 -13.82
N VAL B 101 23.12 -28.56 -12.94
CA VAL B 101 23.52 -27.17 -13.25
C VAL B 101 24.53 -26.59 -12.25
N ASN B 102 25.23 -25.54 -12.66
CA ASN B 102 26.04 -24.80 -11.73
C ASN B 102 25.18 -23.89 -10.85
N ILE B 103 25.63 -23.65 -9.63
CA ILE B 103 24.91 -22.77 -8.73
C ILE B 103 25.93 -22.07 -7.83
N ALA B 104 25.68 -20.81 -7.52
CA ALA B 104 26.49 -20.04 -6.58
C ALA B 104 25.65 -19.86 -5.32
N THR B 105 26.10 -20.42 -4.19
CA THR B 105 25.43 -20.18 -2.89
C THR B 105 26.03 -18.97 -2.11
N ILE B 106 25.26 -17.90 -2.00
CA ILE B 106 25.73 -16.62 -1.44
C ILE B 106 25.80 -16.73 0.08
N PHE B 107 26.94 -16.37 0.62
CA PHE B 107 27.08 -16.49 2.05
C PHE B 107 27.42 -15.16 2.69
N GLU B 108 27.70 -14.18 1.81
CA GLU B 108 28.15 -12.81 2.07
C GLU B 108 27.71 -11.89 0.87
N SER B 109 26.99 -10.81 1.20
CA SER B 109 26.53 -9.82 0.23
C SER B 109 26.42 -8.44 0.86
N GLU B 110 26.29 -7.41 0.03
CA GLU B 110 26.01 -6.05 0.45
C GLU B 110 24.85 -5.64 -0.41
N ASN B 111 23.73 -5.23 0.20
CA ASN B 111 22.65 -4.65 -0.61
C ASN B 111 22.11 -5.59 -1.70
N PHE B 112 22.01 -6.87 -1.37
CA PHE B 112 21.48 -7.82 -2.32
C PHE B 112 20.07 -8.21 -2.00
N PHE B 113 19.88 -8.68 -0.78
CA PHE B 113 18.56 -8.99 -0.30
C PHE B 113 18.05 -7.79 0.47
N LEU B 114 17.05 -7.15 -0.10
CA LEU B 114 16.44 -5.93 0.43
C LEU B 114 15.09 -6.22 1.09
N PRO B 115 14.62 -5.33 2.00
CA PRO B 115 13.40 -5.75 2.70
C PRO B 115 12.16 -5.76 1.83
N GLY B 116 11.20 -6.61 2.21
CA GLY B 116 9.94 -6.82 1.49
C GLY B 116 10.13 -7.39 0.10
N ILE B 117 11.16 -8.23 -0.09
CA ILE B 117 11.48 -8.88 -1.36
C ILE B 117 11.18 -10.39 -1.26
N LYS B 118 10.45 -10.96 -2.20
CA LYS B 118 9.98 -12.33 -1.97
C LYS B 118 10.88 -13.39 -2.56
N TRP B 119 11.83 -12.93 -3.36
CA TRP B 119 12.79 -13.85 -3.97
C TRP B 119 14.05 -14.00 -3.11
N ASN B 120 14.59 -15.21 -3.08
CA ASN B 120 15.87 -15.46 -2.43
C ASN B 120 17.01 -15.96 -3.36
N GLY B 121 17.01 -15.49 -4.63
CA GLY B 121 18.03 -15.84 -5.57
C GLY B 121 17.68 -15.33 -6.94
N ILE B 122 18.54 -15.61 -7.93
N ILE B 122 18.56 -15.54 -7.93
CA ILE B 122 18.49 -14.93 -9.24
CA ILE B 122 18.37 -14.92 -9.25
C ILE B 122 18.90 -15.87 -10.36
C ILE B 122 18.89 -15.81 -10.36
N LEU B 123 18.12 -15.89 -11.44
CA LEU B 123 18.41 -16.73 -12.56
C LEU B 123 18.77 -15.79 -13.67
N GLY B 124 20.07 -15.65 -13.92
CA GLY B 124 20.58 -14.92 -15.07
C GLY B 124 20.39 -15.71 -16.37
N LEU B 125 19.62 -15.16 -17.31
CA LEU B 125 19.33 -15.84 -18.56
C LEU B 125 20.03 -15.24 -19.76
N ALA B 126 20.94 -14.30 -19.55
CA ALA B 126 21.76 -13.83 -20.65
C ALA B 126 22.87 -14.85 -21.09
N TYR B 127 23.82 -14.39 -21.90
CA TYR B 127 24.79 -15.27 -22.59
C TYR B 127 26.04 -15.58 -21.79
N ALA B 128 26.72 -16.67 -22.20
CA ALA B 128 27.92 -17.17 -21.52
C ALA B 128 28.87 -16.04 -21.15
N THR B 129 29.04 -15.06 -22.06
CA THR B 129 30.07 -14.05 -21.94
C THR B 129 30.02 -13.21 -20.65
N LEU B 130 28.86 -12.90 -20.14
CA LEU B 130 28.79 -12.17 -18.88
C LEU B 130 28.77 -12.99 -17.60
N ALA B 131 28.96 -14.32 -17.68
CA ALA B 131 29.02 -15.18 -16.47
C ALA B 131 30.37 -15.01 -15.74
N LYS B 132 30.27 -15.03 -14.40
CA LYS B 132 31.39 -14.92 -13.50
C LYS B 132 31.57 -16.27 -12.87
N PRO B 133 32.82 -16.75 -12.76
CA PRO B 133 33.96 -15.88 -12.91
C PRO B 133 34.48 -15.83 -14.34
N SER B 134 33.95 -16.68 -15.21
CA SER B 134 34.39 -16.68 -16.60
C SER B 134 33.26 -17.29 -17.43
N SER B 135 33.27 -17.00 -18.73
CA SER B 135 32.28 -17.47 -19.71
C SER B 135 32.28 -18.98 -19.81
N SER B 136 33.32 -19.59 -19.30
CA SER B 136 33.33 -21.02 -19.34
C SER B 136 32.54 -21.65 -18.18
N LEU B 137 31.87 -20.84 -17.31
CA LEU B 137 30.96 -21.41 -16.28
C LEU B 137 29.59 -21.57 -16.90
N GLU B 138 29.18 -22.82 -17.16
CA GLU B 138 28.01 -23.02 -17.99
C GLU B 138 26.79 -22.34 -17.34
N THR B 139 26.00 -21.64 -18.13
CA THR B 139 24.80 -20.98 -17.61
C THR B 139 23.63 -21.99 -17.51
N PHE B 140 22.60 -21.65 -16.73
CA PHE B 140 21.44 -22.53 -16.51
C PHE B 140 20.73 -22.82 -17.82
N PHE B 141 20.52 -21.76 -18.61
CA PHE B 141 19.86 -21.92 -19.87
C PHE B 141 20.62 -22.75 -20.86
N ASP B 142 21.97 -22.70 -20.93
CA ASP B 142 22.77 -23.65 -21.80
C ASP B 142 22.74 -25.07 -21.26
N SER B 143 22.68 -25.27 -19.93
CA SER B 143 22.47 -26.59 -19.31
C SER B 143 21.11 -27.25 -19.67
N LEU B 144 20.03 -26.48 -19.58
CA LEU B 144 18.69 -26.95 -19.81
C LEU B 144 18.51 -27.20 -21.32
N VAL B 145 18.93 -26.22 -22.12
CA VAL B 145 18.80 -26.42 -23.56
C VAL B 145 19.44 -27.76 -23.92
N THR B 146 20.69 -27.93 -23.47
CA THR B 146 21.42 -29.17 -23.77
C THR B 146 20.68 -30.40 -23.24
N GLN B 147 20.36 -30.40 -21.95
CA GLN B 147 20.04 -31.64 -21.28
C GLN B 147 18.58 -32.01 -21.49
N ALA B 148 17.74 -31.05 -21.88
CA ALA B 148 16.31 -31.32 -22.06
C ALA B 148 15.87 -31.38 -23.53
N ASN B 149 16.80 -31.23 -24.47
CA ASN B 149 16.47 -31.19 -25.93
C ASN B 149 15.32 -30.21 -26.32
N ILE B 150 15.39 -28.99 -25.80
CA ILE B 150 14.45 -27.98 -26.17
C ILE B 150 15.16 -27.07 -27.11
N PRO B 151 14.39 -26.24 -27.82
CA PRO B 151 15.00 -25.18 -28.56
C PRO B 151 15.65 -24.12 -27.68
N ASN B 152 16.54 -23.38 -28.34
CA ASN B 152 17.39 -22.42 -27.71
C ASN B 152 16.63 -21.11 -27.81
N VAL B 153 15.46 -21.11 -27.17
CA VAL B 153 14.53 -19.95 -27.13
C VAL B 153 13.82 -19.98 -25.79
N PHE B 154 13.60 -18.83 -25.18
CA PHE B 154 12.65 -18.70 -24.09
C PHE B 154 11.79 -17.42 -24.38
N SER B 155 10.68 -17.26 -23.68
CA SER B 155 9.81 -16.10 -23.80
C SER B 155 9.22 -15.77 -22.44
N MET B 156 8.85 -14.49 -22.27
CA MET B 156 8.44 -13.97 -20.99
C MET B 156 7.29 -12.97 -21.15
N GLN B 157 6.32 -13.07 -20.26
CA GLN B 157 5.21 -12.16 -20.25
C GLN B 157 4.97 -11.74 -18.81
N MET B 158 4.92 -10.43 -18.67
CA MET B 158 4.85 -9.74 -17.42
C MET B 158 3.45 -9.18 -17.37
N CYS B 159 2.76 -9.45 -16.26
CA CYS B 159 1.38 -9.10 -16.09
C CYS B 159 1.08 -8.33 -14.80
N GLY B 160 1.85 -7.31 -14.47
CA GLY B 160 1.57 -6.49 -13.30
C GLY B 160 1.61 -4.98 -13.51
N ALA B 161 1.01 -4.49 -14.60
CA ALA B 161 0.93 -3.04 -14.85
C ALA B 161 -0.27 -2.43 -14.13
N GLY B 162 -0.05 -1.38 -13.35
CA GLY B 162 -1.12 -0.74 -12.56
C GLY B 162 -1.33 -1.37 -11.20
N GLY B 172 0.92 -11.79 -12.02
CA GLY B 172 2.14 -12.60 -12.09
C GLY B 172 2.72 -12.57 -13.51
N GLY B 173 3.22 -13.72 -14.01
CA GLY B 173 3.69 -13.76 -15.38
C GLY B 173 3.94 -15.17 -15.86
N SER B 174 4.32 -15.32 -17.13
CA SER B 174 4.63 -16.66 -17.67
C SER B 174 6.01 -16.59 -18.21
N LEU B 175 6.81 -17.59 -17.88
CA LEU B 175 8.14 -17.72 -18.42
C LEU B 175 8.17 -19.13 -19.07
N VAL B 176 8.40 -19.13 -20.38
CA VAL B 176 8.22 -20.27 -21.26
C VAL B 176 9.61 -20.57 -21.79
N LEU B 177 10.14 -21.69 -21.30
CA LEU B 177 11.49 -22.18 -21.57
C LEU B 177 11.49 -23.21 -22.70
N GLY B 178 11.97 -22.82 -23.86
CA GLY B 178 11.94 -23.75 -24.98
C GLY B 178 10.88 -23.41 -26.02
N GLY B 179 10.35 -22.20 -26.06
CA GLY B 179 9.54 -21.76 -27.18
C GLY B 179 8.65 -20.56 -26.91
N ILE B 180 7.55 -20.50 -27.62
CA ILE B 180 6.63 -19.39 -27.68
C ILE B 180 5.23 -20.05 -27.56
N GLU B 181 4.37 -19.48 -26.71
CA GLU B 181 3.05 -20.02 -26.41
C GLU B 181 2.02 -18.98 -26.85
N PRO B 182 1.27 -19.33 -27.89
CA PRO B 182 0.45 -18.38 -28.72
C PRO B 182 -0.63 -17.72 -27.94
N SER B 183 -1.10 -18.39 -26.91
CA SER B 183 -2.15 -17.86 -26.08
C SER B 183 -1.59 -16.76 -25.18
N LEU B 184 -0.30 -16.42 -25.27
CA LEU B 184 0.24 -15.30 -24.50
C LEU B 184 0.29 -14.00 -25.34
N TYR B 185 -0.01 -14.09 -26.63
CA TYR B 185 -0.03 -12.85 -27.37
C TYR B 185 -1.20 -12.76 -28.28
N LYS B 186 -1.28 -11.64 -28.95
CA LYS B 186 -2.26 -11.41 -29.97
C LYS B 186 -1.51 -10.65 -31.05
N GLY B 187 -2.04 -10.67 -32.27
CA GLY B 187 -1.38 -10.14 -33.44
C GLY B 187 -0.10 -10.85 -33.82
N ASP B 188 0.84 -10.06 -34.30
CA ASP B 188 2.09 -10.58 -34.87
C ASP B 188 3.30 -10.41 -33.95
N ILE B 189 4.29 -11.26 -34.10
CA ILE B 189 5.58 -11.06 -33.47
C ILE B 189 6.47 -10.30 -34.44
N TRP B 190 7.00 -9.15 -34.01
CA TRP B 190 8.03 -8.54 -34.79
C TRP B 190 9.38 -8.80 -34.18
N TYR B 191 10.33 -9.20 -35.02
CA TYR B 191 11.67 -9.41 -34.49
C TYR B 191 12.70 -8.41 -34.95
N THR B 192 13.61 -8.11 -34.01
CA THR B 192 14.79 -7.29 -34.25
C THR B 192 16.07 -8.12 -33.97
N PRO B 193 17.17 -7.84 -34.71
CA PRO B 193 18.46 -8.55 -34.50
C PRO B 193 19.07 -8.36 -33.10
N ILE B 194 19.63 -9.45 -32.56
CA ILE B 194 20.55 -9.34 -31.43
C ILE B 194 21.92 -8.88 -32.08
N LYS B 195 22.42 -7.70 -31.68
CA LYS B 195 23.66 -7.11 -32.25
C LYS B 195 24.90 -7.71 -31.65
N GLU B 196 24.82 -8.12 -30.38
CA GLU B 196 25.91 -8.81 -29.69
C GLU B 196 25.36 -9.73 -28.62
N GLU B 197 26.05 -10.87 -28.41
CA GLU B 197 25.64 -11.96 -27.48
C GLU B 197 26.40 -11.99 -26.17
N TRP B 198 25.99 -11.07 -25.30
CA TRP B 198 26.50 -10.93 -23.97
C TRP B 198 25.21 -10.54 -23.17
N TYR B 199 24.84 -9.26 -23.19
CA TYR B 199 23.49 -8.87 -22.84
C TYR B 199 22.61 -9.24 -24.05
N TYR B 200 21.29 -9.09 -23.99
CA TYR B 200 20.44 -9.12 -25.18
C TYR B 200 20.42 -7.76 -25.82
N GLN B 201 21.47 -7.51 -26.57
CA GLN B 201 21.73 -6.22 -27.13
C GLN B 201 21.02 -6.10 -28.44
N ILE B 202 20.21 -5.05 -28.55
CA ILE B 202 19.54 -4.68 -29.82
C ILE B 202 19.69 -3.22 -30.24
N GLU B 203 19.30 -2.93 -31.49
CA GLU B 203 19.47 -1.63 -32.08
C GLU B 203 18.21 -0.75 -32.01
N ILE B 204 18.32 0.37 -31.32
CA ILE B 204 17.24 1.36 -31.28
C ILE B 204 17.55 2.35 -32.40
N LEU B 205 16.55 2.69 -33.23
CA LEU B 205 16.76 3.52 -34.41
C LEU B 205 16.27 4.92 -34.18
N LYS B 206 15.27 5.06 -33.33
CA LYS B 206 14.52 6.29 -33.21
C LYS B 206 13.69 6.21 -31.92
N LEU B 207 13.67 7.32 -31.18
CA LEU B 207 12.67 7.52 -30.12
C LEU B 207 11.75 8.65 -30.56
N GLU B 208 10.46 8.49 -30.31
CA GLU B 208 9.48 9.58 -30.52
C GLU B 208 8.55 9.73 -29.34
N ILE B 209 8.32 10.97 -28.93
CA ILE B 209 7.37 11.35 -27.85
C ILE B 209 6.21 12.04 -28.56
N GLY B 210 4.98 11.57 -28.32
CA GLY B 210 3.77 12.21 -28.81
C GLY B 210 3.72 12.52 -30.29
N GLY B 211 4.16 11.56 -31.10
CA GLY B 211 4.18 11.72 -32.58
C GLY B 211 5.35 12.48 -33.21
N GLN B 212 6.16 13.10 -32.36
CA GLN B 212 7.29 13.93 -32.79
C GLN B 212 8.61 13.31 -32.33
N SER B 213 9.65 13.46 -33.15
CA SER B 213 10.91 12.84 -32.83
C SER B 213 11.73 13.76 -31.92
N LEU B 214 12.61 13.14 -31.15
CA LEU B 214 13.65 13.84 -30.39
C LEU B 214 14.80 14.22 -31.32
N ASN B 215 15.32 15.45 -31.20
CA ASN B 215 16.48 15.82 -32.01
C ASN B 215 17.76 15.11 -31.58
N LEU B 216 17.94 13.87 -32.03
CA LEU B 216 19.09 13.08 -31.58
C LEU B 216 19.53 12.05 -32.62
N ASP B 217 20.82 11.83 -32.71
CA ASP B 217 21.40 10.78 -33.55
C ASP B 217 20.97 9.40 -33.04
N CYS B 218 20.71 8.48 -33.96
CA CYS B 218 20.33 7.13 -33.54
C CYS B 218 21.41 6.45 -32.65
N ARG B 219 22.66 6.91 -32.75
CA ARG B 219 23.77 6.34 -31.96
C ARG B 219 23.79 6.83 -30.50
N GLU B 220 23.01 7.87 -30.20
CA GLU B 220 22.89 8.33 -28.81
C GLU B 220 22.23 7.23 -27.97
N TYR B 221 21.26 6.58 -28.62
CA TYR B 221 20.38 5.58 -28.02
C TYR B 221 21.12 4.31 -27.61
N ASN B 222 21.98 3.83 -28.49
CA ASN B 222 22.75 2.62 -28.25
C ASN B 222 24.16 3.04 -27.89
N ALA B 223 24.27 3.55 -26.67
CA ALA B 223 25.52 3.97 -26.05
C ALA B 223 25.76 3.24 -24.68
N ASP B 224 26.63 2.22 -24.66
CA ASP B 224 27.23 1.59 -25.84
C ASP B 224 26.30 0.43 -26.28
N LYS B 225 25.07 0.41 -25.76
CA LYS B 225 24.23 -0.79 -25.81
C LYS B 225 22.79 -0.57 -25.33
N ALA B 226 21.84 -0.92 -26.18
CA ALA B 226 20.43 -1.05 -25.77
C ALA B 226 20.18 -2.53 -25.45
N ILE B 227 19.66 -2.82 -24.26
CA ILE B 227 19.47 -4.22 -23.81
C ILE B 227 18.08 -4.42 -23.26
N VAL B 228 17.51 -5.62 -23.44
CA VAL B 228 16.21 -6.02 -22.87
C VAL B 228 16.53 -6.65 -21.50
N ASP B 229 16.22 -5.97 -20.39
CA ASP B 229 16.64 -6.53 -19.10
C ASP B 229 15.52 -6.74 -18.17
N SER B 230 15.23 -7.97 -17.82
CA SER B 230 14.05 -8.20 -16.95
C SER B 230 14.40 -7.87 -15.48
N GLY B 231 15.69 -7.77 -15.19
CA GLY B 231 16.20 -7.56 -13.85
C GLY B 231 16.45 -6.10 -13.51
N THR B 232 15.88 -5.19 -14.35
CA THR B 232 15.84 -3.70 -14.22
C THR B 232 14.37 -3.19 -14.26
N THR B 233 13.90 -2.56 -13.16
CA THR B 233 12.56 -1.98 -13.04
C THR B 233 12.17 -1.01 -14.18
N LEU B 234 13.01 -0.03 -14.49
CA LEU B 234 12.62 1.16 -15.29
C LEU B 234 13.23 1.19 -16.68
N LEU B 235 12.72 2.08 -17.53
CA LEU B 235 13.40 2.34 -18.79
C LEU B 235 14.52 3.29 -18.38
N ARG B 236 15.75 2.89 -18.67
CA ARG B 236 16.91 3.65 -18.26
C ARG B 236 17.56 4.23 -19.50
N LEU B 237 17.72 5.55 -19.50
CA LEU B 237 18.18 6.24 -20.66
C LEU B 237 19.47 6.95 -20.28
N PRO B 238 20.49 6.92 -21.18
CA PRO B 238 21.70 7.74 -21.07
C PRO B 238 21.33 9.17 -20.71
N GLN B 239 22.17 9.86 -19.94
CA GLN B 239 21.79 11.19 -19.42
C GLN B 239 21.25 12.14 -20.50
N LYS B 240 21.92 12.23 -21.65
CA LYS B 240 21.49 13.16 -22.69
C LYS B 240 20.12 12.79 -23.33
N VAL B 241 19.90 11.50 -23.58
CA VAL B 241 18.58 11.00 -24.00
C VAL B 241 17.59 11.25 -22.88
N PHE B 242 17.96 10.89 -21.66
CA PHE B 242 17.07 11.16 -20.52
C PHE B 242 16.63 12.62 -20.54
N ASP B 243 17.59 13.55 -20.52
CA ASP B 243 17.19 14.96 -20.55
C ASP B 243 16.25 15.33 -21.72
N ALA B 244 16.48 14.77 -22.92
CA ALA B 244 15.67 15.18 -24.09
C ALA B 244 14.26 14.54 -24.10
N VAL B 245 14.15 13.36 -23.48
CA VAL B 245 12.85 12.73 -23.21
C VAL B 245 11.99 13.52 -22.20
N VAL B 246 12.56 13.82 -21.02
CA VAL B 246 11.91 14.66 -19.99
C VAL B 246 11.41 16.02 -20.55
N GLU B 247 12.26 16.74 -21.25
CA GLU B 247 11.85 18.03 -21.82
C GLU B 247 10.63 17.87 -22.74
N ALA B 248 10.64 16.83 -23.57
CA ALA B 248 9.48 16.49 -24.43
C ALA B 248 8.21 16.01 -23.67
N VAL B 249 8.37 15.13 -22.67
CA VAL B 249 7.20 14.72 -21.85
C VAL B 249 6.55 15.91 -21.08
N ALA B 250 7.37 16.70 -20.37
CA ALA B 250 6.89 17.93 -19.68
C ALA B 250 6.11 18.81 -20.65
N ARG B 251 6.70 19.16 -21.80
CA ARG B 251 6.05 19.99 -22.84
C ARG B 251 4.67 19.45 -23.23
N ALA B 252 4.57 18.15 -23.47
CA ALA B 252 3.27 17.53 -23.82
C ALA B 252 2.19 17.57 -22.71
N SER B 253 2.48 18.13 -21.52
CA SER B 253 1.45 18.20 -20.44
C SER B 253 1.70 18.95 -19.10
N LEU B 254 1.66 18.18 -18.01
CA LEU B 254 1.28 18.63 -16.64
C LEU B 254 2.36 19.23 -15.76
N ILE B 255 3.54 18.60 -15.71
CA ILE B 255 4.63 19.11 -14.87
C ILE B 255 5.36 20.25 -15.60
N ASP B 260 9.26 18.47 -10.69
CA ASP B 260 10.71 18.44 -10.97
C ASP B 260 11.50 17.27 -10.34
N GLY B 261 11.29 17.04 -9.04
CA GLY B 261 11.83 15.87 -8.34
C GLY B 261 11.09 14.65 -8.83
N PHE B 262 9.95 14.89 -9.46
CA PHE B 262 9.15 13.83 -10.07
C PHE B 262 10.02 13.17 -11.15
N TRP B 263 10.71 13.99 -11.94
CA TRP B 263 11.56 13.44 -13.00
C TRP B 263 12.76 12.62 -12.47
N THR B 264 13.32 13.03 -11.34
CA THR B 264 14.50 12.35 -10.78
C THR B 264 14.19 11.12 -9.89
N GLY B 265 12.91 10.87 -9.66
CA GLY B 265 12.46 9.74 -8.84
C GLY B 265 12.46 10.04 -7.35
N SER B 266 12.83 11.26 -6.97
CA SER B 266 12.93 11.70 -5.58
C SER B 266 11.58 12.24 -5.06
N GLN B 267 10.65 12.53 -5.97
CA GLN B 267 9.28 12.82 -5.55
C GLN B 267 8.24 12.13 -6.40
N LEU B 268 7.06 11.90 -5.83
CA LEU B 268 5.92 11.35 -6.60
C LEU B 268 4.87 12.44 -6.69
N ALA B 269 4.29 12.67 -7.89
CA ALA B 269 3.16 13.59 -8.01
C ALA B 269 1.80 12.88 -7.71
N CYS B 270 0.95 13.52 -6.91
CA CYS B 270 -0.33 12.94 -6.50
C CYS B 270 -1.36 13.69 -7.25
N TRP B 271 -2.36 12.99 -7.75
CA TRP B 271 -3.42 13.67 -8.45
C TRP B 271 -4.69 12.98 -8.01
N THR B 272 -5.80 13.71 -7.95
CA THR B 272 -7.08 13.04 -7.75
C THR B 272 -7.47 12.15 -8.97
N ASN B 273 -8.23 11.10 -8.71
CA ASN B 273 -8.96 10.31 -9.73
C ASN B 273 -9.35 11.05 -11.02
N SER B 274 -10.28 11.99 -10.86
CA SER B 274 -10.91 12.78 -11.93
C SER B 274 -10.02 13.84 -12.66
N GLU B 275 -8.88 14.19 -12.06
CA GLU B 275 -7.81 14.95 -12.72
C GLU B 275 -7.11 13.99 -13.70
N THR B 276 -7.78 12.85 -13.94
CA THR B 276 -7.25 11.67 -14.66
C THR B 276 -5.88 11.86 -15.36
N PRO B 277 -4.78 11.76 -14.57
CA PRO B 277 -3.36 11.96 -14.94
C PRO B 277 -2.92 11.39 -16.29
N TRP B 278 -3.41 10.19 -16.62
CA TRP B 278 -2.95 9.48 -17.80
C TRP B 278 -3.37 10.13 -19.12
N SER B 279 -4.49 10.84 -19.08
CA SER B 279 -5.06 11.44 -20.26
C SER B 279 -4.12 12.49 -20.79
N TYR B 280 -3.21 12.97 -19.95
CA TYR B 280 -2.48 14.15 -20.34
C TYR B 280 -1.04 13.95 -20.86
N PHE B 281 -0.45 12.80 -20.53
CA PHE B 281 0.89 12.46 -21.02
C PHE B 281 0.92 11.81 -22.38
N PRO B 282 2.08 11.83 -23.04
CA PRO B 282 2.15 11.35 -24.43
C PRO B 282 2.64 9.91 -24.57
N LYS B 283 2.40 9.32 -25.75
CA LYS B 283 2.89 7.96 -26.01
C LYS B 283 4.40 8.01 -26.13
N ILE B 284 5.09 6.92 -25.78
CA ILE B 284 6.53 6.87 -26.04
C ILE B 284 6.81 5.71 -26.97
N SER B 285 7.41 5.99 -28.13
CA SER B 285 7.54 4.97 -29.15
C SER B 285 9.00 4.71 -29.37
N ILE B 286 9.35 3.42 -29.46
CA ILE B 286 10.72 3.05 -29.69
C ILE B 286 10.70 2.30 -31.00
N TYR B 287 11.43 2.86 -31.97
CA TYR B 287 11.69 2.23 -33.27
C TYR B 287 12.93 1.37 -33.27
N LEU B 288 12.75 0.16 -33.79
CA LEU B 288 13.72 -0.93 -33.78
C LEU B 288 13.89 -1.53 -35.15
N ARG B 289 15.10 -2.01 -35.47
CA ARG B 289 15.32 -2.59 -36.83
C ARG B 289 14.72 -3.99 -37.02
N ASP B 290 13.87 -4.18 -38.04
CA ASP B 290 13.30 -5.48 -38.42
C ASP B 290 14.46 -6.41 -38.93
N GLU B 291 14.22 -7.71 -39.07
CA GLU B 291 15.26 -8.65 -39.54
C GLU B 291 15.61 -8.34 -40.98
N ASN B 292 14.59 -7.98 -41.75
CA ASN B 292 14.74 -7.44 -43.09
C ASN B 292 14.97 -5.92 -42.88
N SER B 293 16.22 -5.50 -43.12
CA SER B 293 16.81 -4.27 -42.53
C SER B 293 16.27 -2.97 -43.12
N SER B 294 15.75 -3.08 -44.33
CA SER B 294 15.12 -1.96 -44.98
C SER B 294 13.90 -1.51 -44.15
N ARG B 295 13.45 -2.38 -43.25
CA ARG B 295 12.31 -1.98 -42.45
C ARG B 295 12.62 -1.80 -40.95
N SER B 296 11.70 -1.14 -40.29
CA SER B 296 11.70 -1.00 -38.85
C SER B 296 10.27 -1.26 -38.34
N PHE B 297 10.16 -1.59 -37.06
CA PHE B 297 8.88 -1.48 -36.38
C PHE B 297 8.95 -0.61 -35.12
N ARG B 298 7.79 -0.44 -34.54
CA ARG B 298 7.60 0.56 -33.54
C ARG B 298 6.95 -0.15 -32.37
N ILE B 299 7.60 -0.14 -31.20
CA ILE B 299 6.91 -0.60 -29.96
C ILE B 299 6.59 0.67 -29.19
N THR B 300 5.35 0.77 -28.73
CA THR B 300 4.86 1.95 -28.02
C THR B 300 4.39 1.56 -26.63
N ILE B 301 4.76 2.41 -25.66
CA ILE B 301 4.01 2.44 -24.39
C ILE B 301 3.20 3.74 -24.17
N LEU B 302 2.10 3.62 -23.44
CA LEU B 302 1.23 4.73 -23.15
C LEU B 302 1.55 5.17 -21.72
N PRO B 303 0.96 6.28 -21.23
CA PRO B 303 1.17 6.80 -19.84
C PRO B 303 0.97 5.85 -18.66
N GLN B 304 0.15 4.79 -18.79
CA GLN B 304 -0.14 3.87 -17.67
C GLN B 304 1.06 3.06 -17.22
N LEU B 305 1.99 2.83 -18.15
CA LEU B 305 3.17 2.06 -17.88
C LEU B 305 4.29 2.95 -17.35
N TYR B 306 4.34 4.19 -17.79
CA TYR B 306 5.50 5.03 -17.35
C TYR B 306 5.21 6.10 -16.27
N ILE B 307 3.94 6.25 -15.95
CA ILE B 307 3.45 7.12 -14.88
C ILE B 307 2.75 6.14 -13.97
N GLN B 308 3.48 5.75 -12.95
CA GLN B 308 3.26 4.48 -12.36
C GLN B 308 2.66 4.66 -10.97
N PRO B 309 1.39 4.23 -10.80
CA PRO B 309 0.66 4.32 -9.52
C PRO B 309 1.40 3.55 -8.45
N MET B 310 1.51 4.15 -7.27
CA MET B 310 2.37 3.63 -6.19
C MET B 310 1.63 3.22 -4.92
N MET B 311 0.42 3.71 -4.69
CA MET B 311 -0.24 3.38 -3.39
C MET B 311 -1.18 2.17 -3.45
N GLY B 312 -2.11 2.19 -4.40
CA GLY B 312 -2.98 1.03 -4.67
C GLY B 312 -4.13 0.83 -3.68
N ALA B 313 -4.30 1.82 -2.80
CA ALA B 313 -5.33 1.80 -1.76
C ALA B 313 -6.78 1.99 -2.25
N GLY B 314 -6.98 2.18 -3.57
CA GLY B 314 -8.33 2.40 -4.10
C GLY B 314 -9.09 3.58 -3.50
N LEU B 315 -8.35 4.59 -3.06
CA LEU B 315 -8.95 5.88 -2.70
C LEU B 315 -9.08 6.80 -3.91
N ASN B 316 -9.75 7.93 -3.75
CA ASN B 316 -9.98 8.86 -4.86
C ASN B 316 -8.71 9.58 -5.35
N TYR B 317 -7.58 9.25 -4.76
CA TYR B 317 -6.33 9.69 -5.35
C TYR B 317 -5.25 8.61 -5.37
N GLU B 318 -4.14 8.98 -6.01
CA GLU B 318 -3.04 8.08 -6.24
C GLU B 318 -1.78 8.95 -6.33
N CYS B 319 -0.64 8.38 -5.98
CA CYS B 319 0.59 9.12 -6.17
C CYS B 319 1.42 8.26 -7.09
N TYR B 320 2.25 8.91 -7.93
CA TYR B 320 2.82 8.31 -9.09
C TYR B 320 4.35 8.57 -9.25
N ARG B 321 5.05 7.50 -9.60
CA ARG B 321 6.45 7.53 -9.97
C ARG B 321 6.65 7.63 -11.51
N PHE B 322 7.69 8.36 -11.89
CA PHE B 322 8.12 8.43 -13.28
C PHE B 322 9.01 7.24 -13.45
N GLY B 323 8.58 6.31 -14.29
CA GLY B 323 9.22 5.00 -14.45
C GLY B 323 10.29 4.95 -15.52
N ILE B 324 11.04 6.05 -15.66
CA ILE B 324 12.13 6.23 -16.62
C ILE B 324 13.17 6.95 -15.76
N SER B 325 14.45 6.67 -16.01
CA SER B 325 15.50 7.23 -15.16
C SER B 325 16.82 7.35 -15.92
N PRO B 326 17.74 8.26 -15.49
CA PRO B 326 18.98 8.40 -16.24
C PRO B 326 19.87 7.22 -15.99
N SER B 327 20.57 6.76 -17.04
CA SER B 327 21.71 5.83 -16.87
C SER B 327 22.97 6.53 -17.32
N THR B 328 24.12 6.06 -16.83
CA THR B 328 25.38 6.70 -17.21
C THR B 328 25.76 6.31 -18.62
N ASN B 329 25.96 5.01 -18.85
CA ASN B 329 26.18 4.55 -20.20
C ASN B 329 25.51 3.21 -20.49
N ALA B 330 24.18 3.24 -20.52
CA ALA B 330 23.35 2.09 -20.89
C ALA B 330 21.91 2.49 -21.21
N LEU B 331 21.38 2.04 -22.34
CA LEU B 331 19.96 2.14 -22.55
C LEU B 331 19.27 0.79 -22.17
N VAL B 332 18.59 0.79 -21.06
CA VAL B 332 18.03 -0.45 -20.51
C VAL B 332 16.50 -0.47 -20.68
N ILE B 333 16.03 -1.33 -21.57
CA ILE B 333 14.63 -1.58 -21.76
C ILE B 333 14.22 -2.60 -20.69
N GLY B 334 13.89 -2.08 -19.49
CA GLY B 334 13.49 -2.90 -18.34
C GLY B 334 11.97 -3.05 -18.31
N ALA B 335 11.42 -3.14 -17.08
CA ALA B 335 10.05 -3.55 -16.89
C ALA B 335 9.08 -2.46 -17.30
N THR B 336 9.48 -1.20 -17.26
CA THR B 336 8.57 -0.13 -17.75
C THR B 336 8.10 -0.36 -19.19
N VAL B 337 8.96 -0.97 -20.00
CA VAL B 337 8.62 -1.27 -21.38
C VAL B 337 8.21 -2.74 -21.56
N MET B 338 8.97 -3.69 -20.99
CA MET B 338 8.70 -5.13 -21.15
C MET B 338 7.30 -5.50 -20.65
N GLU B 339 6.71 -4.69 -19.78
CA GLU B 339 5.40 -5.04 -19.22
C GLU B 339 4.38 -4.91 -20.32
N GLY B 340 4.70 -4.14 -21.34
CA GLY B 340 3.78 -3.93 -22.44
C GLY B 340 3.60 -5.03 -23.49
N PHE B 341 4.48 -6.05 -23.48
CA PHE B 341 4.65 -6.97 -24.62
C PHE B 341 4.99 -8.42 -24.18
N TYR B 342 4.81 -9.39 -25.08
CA TYR B 342 5.36 -10.71 -24.90
C TYR B 342 6.69 -10.58 -25.59
N VAL B 343 7.75 -11.11 -24.99
CA VAL B 343 9.13 -10.88 -25.47
C VAL B 343 9.80 -12.26 -25.65
N ILE B 344 10.31 -12.48 -26.84
CA ILE B 344 10.90 -13.72 -27.26
C ILE B 344 12.41 -13.48 -27.47
N PHE B 345 13.18 -14.10 -26.59
CA PHE B 345 14.64 -14.23 -26.54
C PHE B 345 14.97 -15.46 -27.38
N ASP B 346 15.12 -15.24 -28.68
CA ASP B 346 15.34 -16.31 -29.66
C ASP B 346 16.82 -16.41 -29.99
N ARG B 347 17.55 -17.12 -29.14
CA ARG B 347 18.98 -17.18 -29.21
C ARG B 347 19.47 -17.92 -30.46
N ALA B 348 18.84 -19.05 -30.74
CA ALA B 348 19.11 -19.81 -31.98
C ALA B 348 19.11 -18.94 -33.21
N GLN B 349 18.19 -17.98 -33.29
CA GLN B 349 18.07 -17.19 -34.54
C GLN B 349 18.63 -15.77 -34.37
N LYS B 350 19.25 -15.52 -33.22
CA LYS B 350 19.87 -14.24 -32.89
C LYS B 350 18.90 -13.07 -32.97
N ARG B 351 17.73 -13.16 -32.34
CA ARG B 351 16.69 -12.11 -32.49
C ARG B 351 15.78 -12.02 -31.28
N VAL B 352 15.28 -10.82 -31.03
CA VAL B 352 14.37 -10.53 -29.94
C VAL B 352 13.05 -10.20 -30.60
N GLY B 353 12.01 -10.97 -30.21
CA GLY B 353 10.65 -10.78 -30.68
C GLY B 353 9.88 -9.95 -29.65
N PHE B 354 8.86 -9.22 -30.12
CA PHE B 354 7.89 -8.52 -29.26
C PHE B 354 6.56 -8.66 -29.94
N ALA B 355 5.54 -8.81 -29.09
CA ALA B 355 4.15 -8.96 -29.54
C ALA B 355 3.28 -8.23 -28.52
N ALA B 356 2.13 -7.68 -28.96
CA ALA B 356 1.08 -7.20 -28.05
C ALA B 356 0.61 -8.28 -27.04
N SER B 357 0.61 -7.91 -25.77
CA SER B 357 0.29 -8.81 -24.67
C SER B 357 -1.09 -8.53 -24.09
N PRO B 358 -2.02 -9.49 -24.24
CA PRO B 358 -3.36 -9.51 -23.68
C PRO B 358 -3.46 -9.00 -22.21
N CYS B 359 -2.62 -9.54 -21.32
CA CYS B 359 -2.60 -9.13 -19.92
C CYS B 359 -2.14 -7.67 -19.69
N ALA B 360 -1.69 -7.00 -20.74
CA ALA B 360 -1.19 -5.61 -20.66
C ALA B 360 -2.25 -4.57 -21.05
N GLU B 361 -3.27 -4.48 -20.20
CA GLU B 361 -4.36 -3.53 -20.35
C GLU B 361 -4.81 -3.21 -18.94
N ILE B 362 -5.03 -1.93 -18.66
CA ILE B 362 -5.54 -1.50 -17.33
C ILE B 362 -6.93 -0.90 -17.52
N ALA B 363 -7.92 -1.49 -16.85
CA ALA B 363 -9.35 -1.17 -17.06
C ALA B 363 -9.71 -1.31 -18.54
N GLY B 364 -9.43 -2.49 -19.10
CA GLY B 364 -9.80 -2.80 -20.47
C GLY B 364 -8.94 -2.19 -21.56
N ALA B 365 -8.50 -0.95 -21.36
CA ALA B 365 -7.62 -0.24 -22.32
C ALA B 365 -6.19 -0.83 -22.44
N ALA B 366 -5.68 -0.95 -23.66
CA ALA B 366 -4.30 -1.43 -23.82
C ALA B 366 -3.29 -0.30 -23.53
N VAL B 367 -2.19 -0.67 -22.89
CA VAL B 367 -1.26 0.30 -22.33
C VAL B 367 0.05 0.33 -23.11
N SER B 368 0.06 -0.44 -24.19
CA SER B 368 1.13 -0.46 -25.15
C SER B 368 0.54 -0.85 -26.49
N GLU B 369 1.35 -0.74 -27.54
CA GLU B 369 0.95 -1.05 -28.92
C GLU B 369 2.18 -1.49 -29.64
N ILE B 370 2.00 -2.23 -30.72
CA ILE B 370 3.10 -2.56 -31.59
C ILE B 370 2.66 -2.42 -33.05
N SER B 371 3.52 -1.82 -33.87
CA SER B 371 3.14 -1.52 -35.23
C SER B 371 4.31 -1.51 -36.24
N GLY B 372 3.97 -1.83 -37.48
CA GLY B 372 4.94 -1.93 -38.58
C GLY B 372 4.38 -2.37 -39.95
N PRO B 373 5.18 -2.25 -41.02
CA PRO B 373 6.57 -1.83 -40.96
C PRO B 373 6.80 -0.39 -41.45
N PHE B 374 7.96 0.18 -41.15
CA PHE B 374 8.28 1.49 -41.63
C PHE B 374 9.61 1.35 -42.30
N SER B 375 10.01 2.42 -42.99
CA SER B 375 11.20 2.46 -43.85
C SER B 375 12.43 2.93 -43.11
N THR B 376 13.59 2.31 -43.38
CA THR B 376 14.84 2.76 -42.75
C THR B 376 15.65 3.69 -43.63
N GLU B 377 14.99 4.72 -44.15
CA GLU B 377 15.69 5.90 -44.60
C GLU B 377 15.69 6.86 -43.39
N ASP B 378 16.46 7.96 -43.49
CA ASP B 378 16.53 9.04 -42.48
C ASP B 378 17.19 8.58 -41.17
N VAL B 379 18.11 7.63 -41.32
CA VAL B 379 18.80 6.98 -40.20
C VAL B 379 19.83 5.99 -40.72
N ALA B 380 20.99 5.93 -40.07
CA ALA B 380 22.14 5.15 -40.54
C ALA B 380 21.83 3.70 -40.92
N SER B 381 22.71 3.10 -41.72
CA SER B 381 22.70 1.66 -42.01
C SER B 381 22.84 0.90 -40.70
N ASN B 382 23.51 1.53 -39.75
CA ASN B 382 23.93 0.92 -38.51
C ASN B 382 24.07 1.99 -37.40
N CYS B 383 23.28 1.84 -36.34
CA CYS B 383 23.12 2.79 -35.23
C CYS B 383 23.83 2.42 -33.91
N VAL B 384 24.63 1.37 -33.97
CA VAL B 384 25.35 0.83 -32.82
C VAL B 384 26.86 1.09 -32.93
N PRO B 385 27.49 1.53 -31.82
CA PRO B 385 28.94 1.40 -31.59
C PRO B 385 29.32 -0.05 -31.23
N GLN C 1 -34.38 28.98 20.09
CA GLN C 1 -33.93 29.28 21.50
C GLN C 1 -34.77 28.51 22.53
N VAL C 2 -34.36 27.29 22.83
CA VAL C 2 -35.15 26.41 23.67
C VAL C 2 -35.54 27.15 24.97
N GLN C 3 -36.84 27.43 25.13
CA GLN C 3 -37.40 28.04 26.35
C GLN C 3 -38.57 27.22 26.93
N LEU C 4 -38.45 26.85 28.21
CA LEU C 4 -39.25 25.81 28.83
C LEU C 4 -39.62 26.27 30.23
N GLN C 5 -40.80 25.87 30.68
CA GLN C 5 -41.30 26.16 32.05
C GLN C 5 -42.20 25.04 32.63
N GLU C 6 -41.77 24.42 33.70
CA GLU C 6 -42.48 23.29 34.36
C GLU C 6 -43.46 23.79 35.39
N SER C 7 -44.47 23.00 35.70
CA SER C 7 -45.43 23.34 36.79
C SER C 7 -46.26 22.12 37.14
N GLY C 8 -47.06 22.27 38.21
CA GLY C 8 -47.99 21.23 38.64
C GLY C 8 -47.30 20.42 39.72
N GLY C 9 -46.08 20.84 40.09
CA GLY C 9 -45.35 20.27 41.23
C GLY C 9 -46.09 20.65 42.49
N GLY C 10 -45.86 19.93 43.56
CA GLY C 10 -46.49 20.23 44.83
C GLY C 10 -46.19 19.14 45.84
N LEU C 11 -46.85 19.24 46.99
CA LEU C 11 -46.67 18.32 48.12
C LEU C 11 -47.80 17.23 48.19
N VAL C 12 -47.43 15.97 48.18
CA VAL C 12 -48.45 14.92 48.26
C VAL C 12 -48.02 13.79 49.18
N GLN C 13 -49.02 13.02 49.61
CA GLN C 13 -48.80 11.84 50.46
C GLN C 13 -48.33 10.65 49.65
N PRO C 14 -47.65 9.69 50.32
CA PRO C 14 -47.26 8.45 49.64
C PRO C 14 -48.53 7.72 49.19
N GLY C 15 -48.50 7.20 47.96
CA GLY C 15 -49.64 6.59 47.29
C GLY C 15 -50.34 7.55 46.32
N GLY C 16 -50.05 8.84 46.43
CA GLY C 16 -50.78 9.85 45.65
C GLY C 16 -50.30 10.15 44.24
N SER C 17 -50.90 11.21 43.69
CA SER C 17 -50.89 11.53 42.26
C SER C 17 -50.55 12.98 41.99
N LEU C 18 -49.80 13.20 40.92
CA LEU C 18 -49.49 14.54 40.40
C LEU C 18 -49.38 14.48 38.86
N ARG C 19 -49.74 15.56 38.19
CA ARG C 19 -49.55 15.68 36.75
C ARG C 19 -48.66 16.89 36.56
N LEU C 20 -47.46 16.69 36.03
CA LEU C 20 -46.56 17.81 35.75
C LEU C 20 -46.77 18.18 34.30
N SER C 21 -46.57 19.47 34.01
CA SER C 21 -46.68 20.02 32.66
C SER C 21 -45.41 20.83 32.39
N CYS C 22 -45.00 20.90 31.13
CA CYS C 22 -43.87 21.68 30.76
C CYS C 22 -44.24 22.47 29.47
N ALA C 23 -44.29 23.78 29.60
CA ALA C 23 -44.68 24.64 28.45
C ALA C 23 -43.43 25.13 27.74
N ALA C 24 -43.44 24.98 26.41
CA ALA C 24 -42.35 25.39 25.51
C ALA C 24 -42.75 26.59 24.71
N SER C 25 -41.78 27.47 24.49
CA SER C 25 -41.94 28.70 23.77
C SER C 25 -40.63 28.96 23.01
N GLY C 26 -40.72 29.44 21.76
CA GLY C 26 -39.54 29.83 20.95
C GLY C 26 -38.63 28.73 20.39
N PHE C 27 -39.05 27.46 20.48
CA PHE C 27 -38.36 26.43 19.68
C PHE C 27 -39.38 25.48 18.99
N THR C 28 -38.87 24.61 18.09
CA THR C 28 -39.74 23.72 17.38
C THR C 28 -40.10 22.52 18.28
N PHE C 29 -40.89 22.79 19.30
CA PHE C 29 -41.35 21.74 20.16
C PHE C 29 -42.02 20.53 19.45
N SER C 30 -42.92 20.80 18.50
CA SER C 30 -43.67 19.69 17.87
C SER C 30 -42.76 18.77 17.06
N SER C 31 -41.48 19.18 16.91
CA SER C 31 -40.39 18.38 16.29
C SER C 31 -39.29 17.88 17.23
N ALA C 32 -39.47 18.00 18.53
CA ALA C 32 -38.37 17.81 19.42
C ALA C 32 -38.51 16.53 20.22
N ILE C 33 -37.49 15.71 20.32
CA ILE C 33 -37.44 14.70 21.37
C ILE C 33 -37.51 15.43 22.72
N MET C 34 -38.27 14.92 23.69
CA MET C 34 -38.40 15.66 24.95
C MET C 34 -38.20 14.70 26.11
N THR C 35 -37.52 15.18 27.15
CA THR C 35 -37.14 14.40 28.28
C THR C 35 -37.47 15.01 29.63
N TRP C 36 -37.78 14.11 30.60
CA TRP C 36 -37.90 14.51 32.01
C TRP C 36 -36.74 13.89 32.79
N VAL C 37 -36.08 14.73 33.61
CA VAL C 37 -34.99 14.39 34.53
C VAL C 37 -35.39 14.99 35.90
N ARG C 38 -34.81 14.44 36.97
CA ARG C 38 -35.13 14.84 38.34
C ARG C 38 -33.82 14.87 39.14
N GLN C 39 -33.81 15.66 40.20
CA GLN C 39 -32.65 15.76 41.08
C GLN C 39 -33.13 16.01 42.51
N ALA C 40 -32.85 15.06 43.39
CA ALA C 40 -33.05 15.26 44.83
C ALA C 40 -31.84 16.07 45.34
N PRO C 41 -32.00 16.77 46.50
CA PRO C 41 -30.91 17.54 47.10
C PRO C 41 -29.52 16.84 47.16
N GLY C 42 -28.56 17.46 46.48
CA GLY C 42 -27.20 16.99 46.47
C GLY C 42 -26.90 15.59 45.93
N LYS C 43 -27.88 14.95 45.29
CA LYS C 43 -27.62 13.69 44.55
C LYS C 43 -27.53 14.07 43.07
N GLY C 44 -26.97 13.21 42.23
CA GLY C 44 -26.91 13.47 40.79
C GLY C 44 -28.28 13.43 40.11
N ARG C 45 -28.40 14.15 39.00
CA ARG C 45 -29.58 14.11 38.12
C ARG C 45 -29.90 12.65 37.80
N GLU C 46 -31.19 12.32 37.77
CA GLU C 46 -31.70 10.99 37.40
C GLU C 46 -32.66 11.19 36.20
N TRP C 47 -32.32 10.64 35.06
CA TRP C 47 -33.28 10.56 33.96
C TRP C 47 -34.61 9.87 34.31
N VAL C 48 -35.73 10.42 33.85
CA VAL C 48 -37.06 9.82 34.14
C VAL C 48 -37.75 9.14 32.93
N SER C 49 -37.88 9.90 31.83
CA SER C 49 -38.62 9.44 30.68
C SER C 49 -38.31 10.30 29.47
N THR C 50 -38.29 9.66 28.31
CA THR C 50 -38.18 10.33 27.05
C THR C 50 -39.31 9.92 26.14
N ILE C 51 -39.83 10.92 25.42
CA ILE C 51 -40.81 10.78 24.38
C ILE C 51 -40.35 11.34 23.03
N GLY C 52 -40.52 10.58 21.95
CA GLY C 52 -40.23 11.09 20.59
C GLY C 52 -41.26 12.10 20.07
N SER C 53 -41.03 12.66 18.86
CA SER C 53 -41.77 13.87 18.47
C SER C 53 -43.27 13.66 18.34
N ASP C 54 -43.72 12.57 17.74
CA ASP C 54 -45.17 12.34 17.73
C ASP C 54 -45.82 11.63 18.95
N GLY C 55 -45.09 11.36 20.01
CA GLY C 55 -45.71 10.69 21.15
C GLY C 55 -45.71 9.18 21.16
N SER C 56 -45.46 8.56 20.01
CA SER C 56 -45.59 7.09 19.90
C SER C 56 -44.39 6.32 20.55
N ILE C 57 -43.24 6.96 20.68
CA ILE C 57 -42.11 6.24 21.26
C ILE C 57 -41.88 6.91 22.58
N THR C 58 -42.05 6.12 23.65
CA THR C 58 -41.80 6.56 24.99
C THR C 58 -40.90 5.54 25.72
N THR C 59 -39.97 6.05 26.54
CA THR C 59 -39.02 5.24 27.28
C THR C 59 -38.98 5.72 28.70
N TYR C 60 -38.61 4.80 29.59
CA TYR C 60 -38.73 5.03 31.00
C TYR C 60 -37.58 4.46 31.80
N ALA C 61 -37.15 5.17 32.83
CA ALA C 61 -36.18 4.62 33.77
C ALA C 61 -36.88 3.51 34.58
N ASP C 62 -36.22 2.36 34.76
CA ASP C 62 -36.73 1.28 35.62
C ASP C 62 -37.43 1.77 36.89
N SER C 63 -36.86 2.80 37.49
CA SER C 63 -37.33 3.31 38.78
C SER C 63 -38.74 3.90 38.79
N VAL C 64 -39.36 4.11 37.63
CA VAL C 64 -40.62 4.87 37.53
C VAL C 64 -41.62 4.08 36.69
N LYS C 65 -41.15 2.93 36.19
CA LYS C 65 -41.91 2.15 35.22
C LYS C 65 -43.23 1.69 35.78
N GLY C 66 -44.23 1.72 34.91
CA GLY C 66 -45.63 1.47 35.30
C GLY C 66 -46.27 2.47 36.25
N ARG C 67 -45.54 3.49 36.71
CA ARG C 67 -46.07 4.48 37.64
C ARG C 67 -46.22 5.83 36.99
N PHE C 68 -45.28 6.20 36.11
CA PHE C 68 -45.35 7.51 35.48
C PHE C 68 -45.69 7.34 34.01
N THR C 69 -46.40 8.29 33.43
CA THR C 69 -46.73 8.24 32.01
C THR C 69 -46.34 9.56 31.43
N ILE C 70 -45.45 9.48 30.46
CA ILE C 70 -45.04 10.67 29.69
C ILE C 70 -45.96 10.84 28.48
N SER C 71 -46.32 12.09 28.22
CA SER C 71 -47.08 12.42 27.04
C SER C 71 -46.96 13.89 26.68
N ARG C 72 -47.44 14.25 25.51
CA ARG C 72 -47.30 15.59 24.93
C ARG C 72 -48.53 15.95 24.14
N ASP C 73 -48.73 17.25 24.02
CA ASP C 73 -49.82 17.77 23.25
C ASP C 73 -49.21 18.91 22.44
N ASN C 74 -48.74 18.49 21.27
CA ASN C 74 -48.07 19.32 20.28
C ASN C 74 -48.77 20.62 19.87
N ALA C 75 -50.07 20.52 19.62
CA ALA C 75 -50.89 21.67 19.28
C ALA C 75 -50.90 22.70 20.41
N ARG C 76 -50.71 22.25 21.67
CA ARG C 76 -50.54 23.16 22.83
C ARG C 76 -49.08 23.43 23.26
N ASN C 77 -48.10 23.01 22.46
CA ASN C 77 -46.67 23.03 22.88
C ASN C 77 -46.49 22.78 24.38
N THR C 78 -46.96 21.59 24.82
CA THR C 78 -46.86 21.15 26.20
C THR C 78 -46.47 19.67 26.35
N LEU C 79 -45.46 19.43 27.20
CA LEU C 79 -45.06 18.14 27.65
C LEU C 79 -45.77 17.84 29.00
N TYR C 80 -46.19 16.58 29.25
CA TYR C 80 -46.83 16.16 30.53
C TYR C 80 -46.04 15.03 31.19
N LEU C 81 -46.21 14.93 32.52
CA LEU C 81 -45.76 13.75 33.24
C LEU C 81 -46.84 13.42 34.27
N GLN C 82 -47.65 12.40 33.97
CA GLN C 82 -48.63 11.80 34.92
C GLN C 82 -47.81 10.86 35.82
N MET C 83 -47.94 11.06 37.14
CA MET C 83 -47.15 10.41 38.19
C MET C 83 -48.04 9.75 39.24
N ASN C 84 -48.22 8.44 39.17
CA ASN C 84 -49.13 7.80 40.11
C ASN C 84 -48.30 6.99 41.10
N SER C 85 -48.91 6.59 42.22
CA SER C 85 -48.23 5.79 43.21
C SER C 85 -46.91 6.40 43.61
N LEU C 86 -46.93 7.68 43.99
CA LEU C 86 -45.72 8.38 44.43
C LEU C 86 -45.22 7.83 45.75
N LYS C 87 -43.92 7.94 45.98
CA LYS C 87 -43.33 7.47 47.22
C LYS C 87 -42.29 8.49 47.63
N PRO C 88 -41.86 8.47 48.91
CA PRO C 88 -40.86 9.43 49.36
C PRO C 88 -39.62 9.59 48.44
N GLU C 89 -39.32 8.58 47.66
CA GLU C 89 -38.04 8.64 46.94
C GLU C 89 -38.15 9.33 45.58
N ASP C 90 -39.37 9.59 45.15
CA ASP C 90 -39.69 10.46 44.02
C ASP C 90 -39.56 11.96 44.35
N THR C 91 -39.49 12.30 45.65
CA THR C 91 -39.16 13.65 46.08
C THR C 91 -37.91 14.15 45.35
N ALA C 92 -38.07 15.25 44.64
CA ALA C 92 -36.98 15.83 43.90
C ALA C 92 -37.55 16.97 43.14
N VAL C 93 -36.64 17.72 42.53
CA VAL C 93 -36.99 18.67 41.53
C VAL C 93 -37.10 17.96 40.20
N TYR C 94 -38.22 18.19 39.53
CA TYR C 94 -38.36 17.73 38.17
C TYR C 94 -38.19 18.84 37.10
N TYR C 95 -37.43 18.51 36.07
CA TYR C 95 -37.14 19.41 34.98
C TYR C 95 -37.40 18.76 33.63
N CYS C 96 -38.06 19.47 32.70
CA CYS C 96 -38.17 18.99 31.33
C CYS C 96 -36.99 19.51 30.54
N THR C 97 -36.59 18.76 29.51
CA THR C 97 -35.31 19.03 28.82
C THR C 97 -35.32 18.67 27.31
N SER C 98 -34.50 19.39 26.57
CA SER C 98 -34.38 19.19 25.13
C SER C 98 -33.10 19.89 24.63
N ALA C 99 -32.36 19.18 23.77
CA ALA C 99 -31.23 19.81 23.09
C ALA C 99 -30.30 20.61 24.02
N GLY C 100 -30.01 20.05 25.18
CA GLY C 100 -29.14 20.71 26.10
C GLY C 100 -29.79 21.65 27.10
N ARG C 101 -30.95 22.21 26.75
CA ARG C 101 -31.57 23.27 27.54
C ARG C 101 -32.72 22.71 28.41
N ARG C 102 -32.85 23.22 29.64
CA ARG C 102 -33.88 22.81 30.59
C ARG C 102 -34.62 24.02 31.14
N GLY C 103 -35.81 23.80 31.64
CA GLY C 103 -36.51 24.85 32.40
C GLY C 103 -36.04 24.97 33.85
N PRO C 104 -36.61 25.93 34.60
CA PRO C 104 -36.30 26.13 36.04
C PRO C 104 -36.63 24.94 36.92
N GLY C 105 -37.60 24.13 36.48
CA GLY C 105 -37.97 22.92 37.20
C GLY C 105 -39.20 23.11 38.01
N THR C 106 -39.71 22.01 38.59
CA THR C 106 -40.85 22.08 39.47
C THR C 106 -40.52 21.14 40.60
N GLN C 107 -40.87 21.54 41.82
CA GLN C 107 -40.58 20.79 43.05
C GLN C 107 -41.75 19.87 43.41
N VAL C 108 -41.46 18.58 43.53
CA VAL C 108 -42.41 17.58 43.92
C VAL C 108 -41.90 17.07 45.29
N THR C 109 -42.81 16.95 46.25
CA THR C 109 -42.49 16.49 47.59
C THR C 109 -43.49 15.43 48.06
N VAL C 110 -42.97 14.28 48.48
CA VAL C 110 -43.81 13.15 48.87
C VAL C 110 -43.38 12.81 50.28
N SER C 111 -44.22 13.18 51.24
CA SER C 111 -43.96 12.91 52.65
C SER C 111 -45.24 12.52 53.35
N SER C 112 -45.09 11.67 54.37
CA SER C 112 -46.12 11.29 55.35
C SER C 112 -47.21 12.35 55.59
N GLN D 1 38.15 -20.50 -22.32
CA GLN D 1 37.54 -20.44 -23.71
C GLN D 1 37.46 -21.81 -24.41
N VAL D 2 36.26 -22.36 -24.48
CA VAL D 2 36.10 -23.81 -24.55
C VAL D 2 36.53 -24.36 -25.96
N GLN D 3 37.65 -25.09 -25.99
N GLN D 3 37.65 -25.10 -25.99
CA GLN D 3 38.10 -25.88 -27.17
CA GLN D 3 38.05 -25.86 -27.19
C GLN D 3 38.12 -27.36 -26.81
C GLN D 3 38.15 -27.35 -26.84
N LEU D 4 37.64 -28.18 -27.75
CA LEU D 4 37.36 -29.56 -27.45
C LEU D 4 37.54 -30.33 -28.76
N GLN D 5 38.07 -31.54 -28.65
CA GLN D 5 38.13 -32.41 -29.82
C GLN D 5 37.75 -33.85 -29.47
N GLU D 6 36.71 -34.38 -30.11
CA GLU D 6 36.27 -35.73 -29.80
C GLU D 6 37.03 -36.63 -30.78
N SER D 7 37.12 -37.91 -30.46
CA SER D 7 37.49 -38.99 -31.37
C SER D 7 37.12 -40.33 -30.71
N GLY D 8 37.49 -41.42 -31.38
CA GLY D 8 37.10 -42.79 -30.95
C GLY D 8 35.94 -43.34 -31.75
N GLY D 9 35.24 -42.47 -32.52
CA GLY D 9 34.12 -42.98 -33.29
C GLY D 9 34.65 -43.89 -34.35
N GLY D 10 33.77 -44.71 -34.89
CA GLY D 10 34.06 -45.43 -36.11
C GLY D 10 32.81 -46.23 -36.48
N LEU D 11 33.03 -47.24 -37.32
CA LEU D 11 32.05 -48.18 -37.82
C LEU D 11 32.11 -49.52 -37.05
N VAL D 12 30.98 -49.92 -36.50
CA VAL D 12 30.91 -51.15 -35.75
C VAL D 12 29.66 -51.89 -36.13
N GLN D 13 29.61 -53.17 -35.77
CA GLN D 13 28.45 -54.03 -36.02
C GLN D 13 27.56 -53.96 -34.78
N PRO D 14 26.25 -54.30 -34.92
CA PRO D 14 25.37 -54.33 -33.73
C PRO D 14 25.98 -55.22 -32.62
N GLY D 15 25.82 -54.83 -31.35
CA GLY D 15 26.41 -55.52 -30.17
C GLY D 15 27.85 -55.05 -29.96
N GLY D 16 28.38 -54.32 -30.94
CA GLY D 16 29.71 -53.68 -30.91
C GLY D 16 29.88 -52.73 -29.72
N SER D 17 31.02 -52.05 -29.70
CA SER D 17 31.55 -51.42 -28.48
C SER D 17 32.53 -50.35 -28.93
N LEU D 18 32.36 -49.10 -28.51
CA LEU D 18 33.39 -48.08 -28.78
C LEU D 18 33.68 -47.27 -27.57
N ARG D 19 34.83 -46.60 -27.56
CA ARG D 19 35.11 -45.68 -26.46
C ARG D 19 35.40 -44.33 -27.05
N LEU D 20 34.54 -43.36 -26.78
CA LEU D 20 34.78 -42.03 -27.37
C LEU D 20 35.55 -41.19 -26.40
N SER D 21 36.49 -40.42 -26.91
CA SER D 21 37.22 -39.41 -26.07
C SER D 21 36.91 -38.03 -26.49
N CYS D 22 36.93 -37.13 -25.51
CA CYS D 22 36.85 -35.71 -25.78
C CYS D 22 37.94 -34.98 -25.02
N ALA D 23 38.91 -34.45 -25.77
CA ALA D 23 40.06 -33.69 -25.21
C ALA D 23 39.80 -32.20 -25.21
N ALA D 24 40.12 -31.54 -24.09
CA ALA D 24 39.77 -30.14 -23.94
C ALA D 24 41.03 -29.35 -23.74
N SER D 25 41.07 -28.10 -24.18
CA SER D 25 42.20 -27.19 -23.88
C SER D 25 41.62 -25.80 -23.74
N GLY D 26 42.38 -24.89 -23.13
CA GLY D 26 41.92 -23.47 -23.05
C GLY D 26 40.85 -23.04 -22.05
N PHE D 27 40.01 -23.96 -21.53
CA PHE D 27 39.20 -23.57 -20.35
C PHE D 27 39.57 -24.53 -19.21
N THR D 28 39.06 -24.20 -18.02
CA THR D 28 39.13 -24.96 -16.78
C THR D 28 38.30 -26.28 -16.84
N PHE D 29 38.80 -27.28 -17.56
CA PHE D 29 38.03 -28.51 -17.67
C PHE D 29 37.65 -29.14 -16.32
N SER D 30 38.60 -29.23 -15.38
CA SER D 30 38.38 -29.95 -14.11
C SER D 30 37.36 -29.29 -13.20
N SER D 31 36.89 -28.09 -13.61
CA SER D 31 35.81 -27.38 -12.91
C SER D 31 34.53 -27.23 -13.77
N ALA D 32 34.51 -27.79 -14.96
CA ALA D 32 33.32 -27.66 -15.81
C ALA D 32 32.41 -28.90 -15.73
N ILE D 33 31.11 -28.69 -15.71
CA ILE D 33 30.16 -29.73 -16.15
C ILE D 33 30.44 -30.17 -17.60
N MET D 34 30.34 -31.46 -17.93
CA MET D 34 30.57 -31.87 -19.30
C MET D 34 29.39 -32.75 -19.79
N THR D 35 29.05 -32.66 -21.06
CA THR D 35 27.92 -33.39 -21.56
C THR D 35 28.18 -33.95 -22.93
N TRP D 36 27.69 -35.15 -23.21
CA TRP D 36 27.55 -35.59 -24.59
C TRP D 36 26.12 -35.50 -25.13
N VAL D 37 26.01 -35.01 -26.36
CA VAL D 37 24.79 -34.98 -27.17
C VAL D 37 25.12 -35.68 -28.50
N ARG D 38 24.12 -36.29 -29.16
CA ARG D 38 24.35 -36.81 -30.51
C ARG D 38 23.39 -36.19 -31.49
N GLN D 39 23.58 -36.39 -32.77
CA GLN D 39 22.77 -35.76 -33.81
C GLN D 39 22.83 -36.68 -35.03
N ALA D 40 21.69 -37.30 -35.36
CA ALA D 40 21.57 -38.09 -36.57
C ALA D 40 21.34 -37.15 -37.76
N PRO D 41 21.59 -37.63 -39.00
CA PRO D 41 21.19 -36.88 -40.20
C PRO D 41 19.68 -36.48 -40.18
N GLY D 42 19.41 -35.18 -40.29
CA GLY D 42 18.03 -34.68 -40.18
C GLY D 42 17.17 -35.38 -39.13
N LYS D 43 17.72 -35.60 -37.94
CA LYS D 43 16.90 -35.90 -36.78
C LYS D 43 17.28 -34.83 -35.79
N GLY D 44 16.65 -34.83 -34.62
CA GLY D 44 16.99 -33.83 -33.61
C GLY D 44 18.32 -34.04 -32.89
N ARG D 45 18.94 -32.92 -32.52
CA ARG D 45 19.92 -32.85 -31.41
C ARG D 45 19.37 -33.69 -30.23
N GLU D 46 20.12 -34.71 -29.77
CA GLU D 46 19.63 -35.63 -28.71
C GLU D 46 20.66 -35.72 -27.59
N TRP D 47 20.36 -35.16 -26.42
CA TRP D 47 21.24 -35.27 -25.27
C TRP D 47 21.57 -36.74 -24.90
N VAL D 48 22.81 -37.02 -24.58
CA VAL D 48 23.20 -38.41 -24.20
C VAL D 48 23.48 -38.63 -22.69
N SER D 49 24.38 -37.80 -22.14
CA SER D 49 24.89 -37.99 -20.79
C SER D 49 25.65 -36.77 -20.27
N THR D 50 25.47 -36.48 -18.99
CA THR D 50 26.14 -35.38 -18.32
C THR D 50 26.85 -35.85 -17.04
N ILE D 51 28.02 -35.27 -16.78
CA ILE D 51 28.85 -35.60 -15.69
C ILE D 51 29.27 -34.34 -14.97
N GLY D 52 29.13 -34.34 -13.63
CA GLY D 52 29.56 -33.21 -12.82
C GLY D 52 31.05 -33.10 -12.85
N SER D 53 31.62 -32.02 -12.28
CA SER D 53 33.09 -31.76 -12.43
C SER D 53 34.00 -32.81 -11.83
N ASP D 54 33.69 -33.31 -10.66
CA ASP D 54 34.54 -34.35 -10.13
C ASP D 54 34.11 -35.82 -10.55
N GLY D 55 33.14 -36.01 -11.43
CA GLY D 55 32.79 -37.42 -11.86
C GLY D 55 31.73 -38.20 -11.07
N SER D 56 31.44 -37.76 -9.85
CA SER D 56 30.53 -38.55 -9.00
C SER D 56 29.05 -38.44 -9.45
N ILE D 57 28.64 -37.35 -10.09
CA ILE D 57 27.25 -37.18 -10.51
C ILE D 57 27.23 -37.38 -12.03
N THR D 58 26.64 -38.49 -12.49
CA THR D 58 26.38 -38.71 -13.88
C THR D 58 24.87 -38.95 -14.06
N THR D 59 24.31 -38.32 -15.10
CA THR D 59 22.91 -38.51 -15.56
C THR D 59 22.96 -38.94 -17.03
N TYR D 60 21.87 -39.56 -17.49
CA TYR D 60 21.84 -40.35 -18.69
C TYR D 60 20.45 -40.24 -19.25
N ALA D 61 20.38 -40.34 -20.59
CA ALA D 61 19.15 -40.40 -21.32
C ALA D 61 18.61 -41.85 -21.24
N ASP D 62 17.31 -41.98 -21.09
CA ASP D 62 16.66 -43.32 -21.07
C ASP D 62 17.15 -44.26 -22.17
N SER D 63 17.16 -43.73 -23.38
CA SER D 63 17.58 -44.43 -24.58
C SER D 63 19.01 -45.07 -24.57
N VAL D 64 19.87 -44.69 -23.62
CA VAL D 64 21.25 -45.22 -23.57
C VAL D 64 21.58 -45.89 -22.23
N LYS D 65 20.62 -45.84 -21.30
CA LYS D 65 20.78 -46.26 -19.93
C LYS D 65 21.12 -47.71 -19.85
N GLY D 66 22.09 -48.03 -19.01
CA GLY D 66 22.54 -49.41 -18.90
C GLY D 66 23.48 -49.83 -20.00
N ARG D 67 23.45 -49.13 -21.15
CA ARG D 67 24.38 -49.38 -22.25
C ARG D 67 25.66 -48.52 -22.28
N PHE D 68 25.52 -47.18 -22.12
CA PHE D 68 26.64 -46.21 -22.19
C PHE D 68 27.06 -45.76 -20.80
N THR D 69 28.35 -45.49 -20.60
CA THR D 69 28.86 -44.95 -19.33
C THR D 69 29.78 -43.75 -19.56
N ILE D 70 29.35 -42.60 -19.05
CA ILE D 70 30.15 -41.36 -19.07
C ILE D 70 31.21 -41.37 -17.99
N SER D 71 32.37 -40.73 -18.24
CA SER D 71 33.41 -40.63 -17.24
C SER D 71 34.52 -39.66 -17.70
N ARG D 72 35.37 -39.25 -16.78
CA ARG D 72 36.37 -38.23 -17.14
C ARG D 72 37.65 -38.45 -16.34
N ASP D 73 38.76 -37.98 -16.92
CA ASP D 73 40.01 -38.02 -16.23
C ASP D 73 40.54 -36.60 -16.17
N ASN D 74 40.18 -35.89 -15.10
CA ASN D 74 40.49 -34.49 -14.90
C ASN D 74 41.99 -34.23 -15.07
N ALA D 75 42.84 -35.11 -14.53
CA ALA D 75 44.27 -34.95 -14.70
C ALA D 75 44.81 -35.01 -16.16
N ARG D 76 43.99 -35.44 -17.14
CA ARG D 76 44.41 -35.51 -18.55
C ARG D 76 43.52 -34.65 -19.45
N ASN D 77 42.71 -33.77 -18.86
CA ASN D 77 41.80 -32.89 -19.61
C ASN D 77 40.94 -33.62 -20.64
N THR D 78 40.37 -34.77 -20.22
CA THR D 78 39.66 -35.58 -21.17
C THR D 78 38.36 -36.15 -20.64
N LEU D 79 37.31 -36.04 -21.44
CA LEU D 79 36.03 -36.78 -21.22
C LEU D 79 35.88 -38.07 -22.06
N TYR D 80 35.16 -39.06 -21.49
CA TYR D 80 34.92 -40.36 -22.14
C TYR D 80 33.46 -40.71 -22.26
N LEU D 81 33.16 -41.60 -23.25
CA LEU D 81 31.87 -42.24 -23.32
C LEU D 81 32.10 -43.68 -23.74
N GLN D 82 31.96 -44.57 -22.77
CA GLN D 82 32.03 -46.00 -23.02
C GLN D 82 30.66 -46.41 -23.61
N MET D 83 30.67 -46.90 -24.85
CA MET D 83 29.46 -47.22 -25.61
C MET D 83 29.41 -48.70 -25.85
N ASN D 84 28.61 -49.43 -25.08
CA ASN D 84 28.45 -50.83 -25.34
C ASN D 84 27.07 -51.07 -25.95
N SER D 85 26.87 -52.33 -26.36
CA SER D 85 25.61 -52.91 -26.83
C SER D 85 25.02 -52.02 -27.90
N LEU D 86 25.87 -51.65 -28.85
CA LEU D 86 25.52 -50.66 -29.88
C LEU D 86 24.58 -51.27 -30.91
N LYS D 87 23.55 -50.50 -31.25
CA LYS D 87 22.57 -50.92 -32.22
C LYS D 87 22.47 -49.85 -33.34
N PRO D 88 21.93 -50.20 -34.54
CA PRO D 88 21.88 -49.21 -35.66
C PRO D 88 21.31 -47.79 -35.31
N GLU D 89 20.28 -47.75 -34.47
CA GLU D 89 19.68 -46.52 -34.00
C GLU D 89 20.64 -45.58 -33.25
N ASP D 90 21.82 -46.06 -32.85
CA ASP D 90 22.86 -45.21 -32.22
C ASP D 90 23.70 -44.41 -33.26
N THR D 91 23.56 -44.78 -34.53
CA THR D 91 24.27 -44.06 -35.60
C THR D 91 24.12 -42.52 -35.45
N ALA D 92 25.22 -41.82 -35.31
CA ALA D 92 25.17 -40.37 -35.28
C ALA D 92 26.54 -39.75 -34.99
N VAL D 93 26.57 -38.43 -35.05
CA VAL D 93 27.72 -37.63 -34.63
C VAL D 93 27.59 -37.42 -33.15
N TYR D 94 28.66 -37.73 -32.44
CA TYR D 94 28.68 -37.54 -31.01
C TYR D 94 29.53 -36.26 -30.75
N TYR D 95 28.92 -35.31 -30.02
CA TYR D 95 29.57 -34.01 -29.68
C TYR D 95 29.72 -33.87 -28.17
N CYS D 96 30.92 -33.51 -27.70
CA CYS D 96 31.08 -33.05 -26.30
C CYS D 96 30.91 -31.58 -26.19
N THR D 97 30.29 -31.14 -25.10
CA THR D 97 29.84 -29.74 -24.97
C THR D 97 29.99 -29.24 -23.55
N SER D 98 30.21 -27.95 -23.43
CA SER D 98 30.37 -27.29 -22.15
C SER D 98 30.10 -25.84 -22.43
N ALA D 99 29.46 -25.14 -21.49
CA ALA D 99 29.29 -23.65 -21.59
C ALA D 99 28.95 -23.09 -22.97
N GLY D 100 28.05 -23.77 -23.67
CA GLY D 100 27.58 -23.31 -24.94
C GLY D 100 28.48 -23.61 -26.11
N ARG D 101 29.55 -24.40 -25.91
CA ARG D 101 30.57 -24.67 -26.93
C ARG D 101 30.61 -26.15 -27.15
N ARG D 102 31.06 -26.57 -28.33
CA ARG D 102 31.14 -27.98 -28.65
C ARG D 102 32.31 -28.22 -29.56
N GLY D 103 32.75 -29.46 -29.59
CA GLY D 103 33.75 -29.92 -30.54
C GLY D 103 33.19 -30.18 -31.94
N PRO D 104 34.09 -30.48 -32.88
CA PRO D 104 33.69 -30.82 -34.27
C PRO D 104 32.79 -32.10 -34.38
N GLY D 105 32.92 -33.04 -33.44
CA GLY D 105 32.08 -34.27 -33.42
C GLY D 105 32.93 -35.50 -33.68
N THR D 106 32.40 -36.69 -33.37
CA THR D 106 32.99 -37.96 -33.85
C THR D 106 31.84 -38.72 -34.41
N GLN D 107 32.03 -39.26 -35.63
CA GLN D 107 31.08 -40.14 -36.30
C GLN D 107 31.10 -41.54 -35.77
N VAL D 108 29.94 -41.97 -35.29
CA VAL D 108 29.76 -43.30 -34.81
C VAL D 108 28.69 -43.92 -35.71
N THR D 109 28.97 -45.10 -36.24
CA THR D 109 28.11 -45.74 -37.24
C THR D 109 27.99 -47.28 -36.99
N VAL D 110 26.75 -47.73 -36.83
CA VAL D 110 26.51 -49.10 -36.41
C VAL D 110 25.70 -49.77 -37.49
N SER D 111 26.28 -50.77 -38.12
CA SER D 111 25.60 -51.45 -39.24
C SER D 111 25.95 -52.92 -39.31
N SER D 112 25.03 -53.75 -39.79
CA SER D 112 25.31 -55.13 -40.25
C SER D 112 25.57 -55.30 -41.77
C1 6T9 E . -15.43 18.61 7.69
C2 6T9 E . -16.97 18.39 7.77
O3 6T9 E . -14.80 18.58 9.00
C4 6T9 E . -15.45 17.88 9.98
N5 6T9 E . -16.56 17.22 9.83
C6 6T9 E . -17.33 17.13 8.58
C7 6T9 E . -16.92 15.91 7.75
C8 6T9 E . -15.80 15.28 8.17
C9 6T9 E . -15.34 14.19 7.48
C10 6T9 E . -16.01 13.75 6.35
C11 6T9 E . -17.13 14.41 5.91
C12 6T9 E . -17.59 15.49 6.62
F13 6T9 E . -18.71 16.16 6.21
N14 6T9 E . -14.87 17.89 11.20
C15 6T9 E . -18.84 17.09 8.84
N16 6T9 E . -14.20 13.61 7.99
C17 6T9 E . -13.68 12.60 7.33
C18 6T9 E . -12.44 12.03 7.82
O19 6T9 E . -14.19 12.27 6.31
N20 6T9 E . -12.13 12.30 9.09
C21 6T9 E . -11.05 11.85 9.64
C22 6T9 E . -10.21 11.08 8.86
C23 6T9 E . -10.49 10.79 7.54
C24 6T9 E . -11.64 11.28 6.98
O25 6T9 E . -9.06 10.66 9.39
F26 6T9 E . -17.66 19.38 8.46
F27 6T9 E . -17.36 18.26 6.42
C28 6T9 E . -8.56 11.42 10.47
C29 6T9 E . -8.66 10.68 11.79
C1 6T9 F . 21.61 -5.16 -11.98
C2 6T9 F . 22.43 -6.40 -11.58
O3 6T9 F . 21.01 -5.38 -13.26
C4 6T9 F . 20.57 -6.63 -13.50
N5 6T9 F . 20.77 -7.66 -12.76
C6 6T9 F . 21.54 -7.63 -11.51
C7 6T9 F . 20.62 -7.51 -10.31
C8 6T9 F . 19.33 -7.25 -10.52
C9 6T9 F . 18.48 -7.16 -9.44
C10 6T9 F . 18.93 -7.29 -8.13
C11 6T9 F . 20.26 -7.54 -7.91
C12 6T9 F . 21.11 -7.63 -9.02
F13 6T9 F . 22.43 -7.85 -8.83
N14 6T9 F . 19.87 -6.79 -14.64
C15 6T9 F . 22.43 -8.86 -11.30
N16 6T9 F . 17.16 -6.87 -9.76
C17 6T9 F . 16.18 -6.79 -8.82
C18 6T9 F . 14.85 -6.43 -9.35
O19 6T9 F . 16.40 -6.93 -7.62
N20 6T9 F . 14.70 -6.70 -10.63
C21 6T9 F . 13.61 -6.44 -11.29
C22 6T9 F . 12.58 -5.82 -10.63
C23 6T9 F . 12.69 -5.49 -9.27
C24 6T9 F . 13.87 -5.79 -8.61
O25 6T9 F . 11.49 -5.53 -11.36
F26 6T9 F . 23.46 -6.73 -12.42
F27 6T9 F . 22.96 -6.18 -10.33
C28 6T9 F . 11.49 -5.71 -12.77
C29 6T9 F . 10.20 -6.45 -13.14
#